data_2RS5
#
_entry.id   2RS5
#
_cell.length_a   445.100
_cell.length_b   445.100
_cell.length_c   445.100
_cell.angle_alpha   90.00
_cell.angle_beta   90.00
_cell.angle_gamma   90.00
#
_symmetry.space_group_name_H-M   'P 21 3'
#
loop_
_entity.id
_entity.type
_entity.pdbx_description
1 polymer 'HUMAN RHINOVIRUS 14 COAT PROTEIN (SUBUNIT VP1)'
2 polymer 'HUMAN RHINOVIRUS 14 COAT PROTEIN (SUBUNIT VP2)'
3 polymer 'HUMAN RHINOVIRUS 14 COAT PROTEIN (SUBUNIT VP3)'
4 polymer 'HUMAN RHINOVIRUS 14 COAT PROTEIN (SUBUNIT VP4)'
5 non-polymer '5-(5-(4-(5-HYDRO-4-METHYL-2-OXAZOLYL)PHENOXY)PENTYL)-3-METHYL ISOXAZOLE'
6 water water
#
loop_
_entity_poly.entity_id
_entity_poly.type
_entity_poly.pdbx_seq_one_letter_code
_entity_poly.pdbx_strand_id
1 'polypeptide(L)'
;GLGDELEEVIVEKTKQTVASISSGPKHTQKVPILTANETGATMPVLPSDSIETRTTYMHFNGSETDVECFLGRAACVHVT
EIQNKDATGIDNHREAKLFNDWKINLSSLVQLRKKLELFTYVRFDSEYTILATASQPDSANYSSNLVVQAMYVPPGAPNP
KEWDDYTWQSASNPSVFFKVGDTSRFSVPYVGLASAYNCFYDGYSHDDAETQYGITVLNHMGSMAFRIVNEHDEHKTLVK
IRVYHRAKHVEAWIPRAPRALPYTSIGRTNYPKNTEPVIKKRKGDIKSY
;
1
2 'polypeptide(L)'
;SPNVEACGYSDRVQQITLGNSTITTQEAANAVVCYAEWPEYLPDVDASDVNKTSKPDTSVCRFYTLDSKTWTTGSKGWCW
KLPDALKDMGVFGQNMFFHSLGRSGYTVHVQCNATKFHSGCLLVVVIPEHQLASHEGGNVSVKYTFTHPGERGIDLSSAN
EVGGPVKDVLYNMNGTLLGNLLIFPHQFINLRTNNTATIVIPYINSVPIDSMTRHNNVSLMVIPIAPLTVPTGATPSLPI
TVTIAPMCTEFSGIRSKSIVPQ
;
2
3 'polypeptide(L)'
;GLPTTTLPGSGQFLTTDDRQSPSALPNYEPTPRIHIPGKVHNLLEIIQVDTLIPMNNTHTKDEVNSYLIPLNANRQNEQV
FGTNLFIGDGVFKTTLLGEIVQYYTHWSGSLRFSLMYTGPALSSAKLILAYTPPGARGPQDRREAMLGTHVVWDIGLQST
IVMTIPWTSGVQFRYTDPDTYTSAGFLSCWYQTSLILPPETTGQVYLLSFISACPDFKLRLMKDTQTISQTVALTE
;
3
4 'polypeptide(L)' GAQVSTQKSGSHENQNILTNGSNQTFTVINYYKDAASTSSAGQSLSMDPSKFTEPVKDLMLKGAPALN 4
#
# COMPACT_ATOMS: atom_id res chain seq x y z
N THR A 17 -21.75 17.26 14.29
CA THR A 17 -21.75 16.55 13.01
C THR A 17 -22.77 15.45 12.65
N VAL A 18 -23.45 15.58 11.48
CA VAL A 18 -24.46 14.48 11.35
C VAL A 18 -23.80 13.30 10.68
N ALA A 19 -24.11 12.12 11.19
CA ALA A 19 -23.65 10.86 10.62
C ALA A 19 -24.63 10.40 9.54
N SER A 20 -25.86 10.78 9.74
CA SER A 20 -26.88 10.41 8.71
C SER A 20 -27.91 11.53 8.79
N ILE A 21 -28.44 11.95 7.65
CA ILE A 21 -29.50 12.93 7.69
C ILE A 21 -30.85 12.14 7.54
N SER A 22 -31.91 12.89 7.70
CA SER A 22 -33.22 12.22 7.58
C SER A 22 -33.57 12.09 6.15
N SER A 23 -33.99 11.07 5.58
CA SER A 23 -34.31 11.16 4.07
C SER A 23 -35.50 10.33 3.84
N GLY A 24 -36.38 10.59 2.92
CA GLY A 24 -37.68 9.79 2.79
C GLY A 24 -37.76 9.16 1.45
N PRO A 25 -38.94 8.80 0.99
CA PRO A 25 -39.14 8.06 -0.28
C PRO A 25 -38.53 8.88 -1.40
N LYS A 26 -38.12 8.39 -2.48
CA LYS A 26 -37.50 8.96 -3.68
C LYS A 26 -38.14 8.40 -4.94
N HIS A 27 -38.43 9.08 -5.99
CA HIS A 27 -38.94 8.45 -7.27
C HIS A 27 -38.31 9.39 -8.31
N THR A 28 -37.07 9.39 -8.57
CA THR A 28 -36.38 10.24 -9.39
C THR A 28 -35.74 9.66 -10.66
N GLN A 29 -35.20 10.61 -11.37
CA GLN A 29 -34.54 10.51 -12.65
C GLN A 29 -33.06 10.71 -12.28
N LYS A 30 -32.84 10.90 -11.02
CA LYS A 30 -31.46 11.22 -10.52
C LYS A 30 -31.02 10.05 -9.66
N VAL A 31 -30.29 9.10 -10.19
CA VAL A 31 -29.93 7.86 -9.47
C VAL A 31 -28.54 7.87 -8.97
N PRO A 32 -28.24 8.21 -7.74
CA PRO A 32 -26.88 8.24 -7.23
C PRO A 32 -26.24 6.88 -7.06
N ILE A 33 -26.98 5.79 -7.13
CA ILE A 33 -26.36 4.49 -6.88
C ILE A 33 -25.90 3.84 -8.16
N LEU A 34 -26.09 4.35 -9.33
CA LEU A 34 -25.59 3.68 -10.56
C LEU A 34 -24.28 4.35 -10.92
N THR A 35 -23.18 3.71 -10.97
CA THR A 35 -21.95 4.44 -11.37
C THR A 35 -21.17 3.69 -12.36
N ALA A 36 -19.98 4.05 -12.76
CA ALA A 36 -19.10 3.31 -13.68
C ALA A 36 -17.75 3.12 -13.01
N ASN A 37 -17.42 2.08 -12.31
CA ASN A 37 -16.21 1.89 -11.56
C ASN A 37 -15.00 1.87 -12.45
N GLU A 38 -15.24 1.83 -13.77
CA GLU A 38 -14.10 1.74 -14.66
C GLU A 38 -13.29 3.01 -14.61
N THR A 39 -13.88 4.07 -14.07
CA THR A 39 -13.31 5.42 -14.06
C THR A 39 -12.21 5.53 -13.04
N GLY A 40 -12.22 4.69 -12.02
CA GLY A 40 -11.18 4.72 -11.01
C GLY A 40 -11.70 5.49 -9.83
N ALA A 41 -12.89 5.99 -9.83
CA ALA A 41 -13.33 6.75 -8.61
C ALA A 41 -14.05 5.89 -7.64
N THR A 42 -14.13 6.18 -6.36
CA THR A 42 -15.11 5.53 -5.43
C THR A 42 -16.11 6.63 -5.10
N MET A 43 -17.20 6.61 -5.79
CA MET A 43 -18.29 7.60 -5.56
C MET A 43 -18.79 7.54 -4.14
N PRO A 44 -18.91 8.69 -3.51
CA PRO A 44 -19.31 8.81 -2.10
C PRO A 44 -20.74 8.54 -1.77
N VAL A 45 -21.19 7.33 -1.96
CA VAL A 45 -22.60 6.94 -1.71
C VAL A 45 -22.80 6.69 -0.22
N LEU A 46 -23.96 7.08 0.25
CA LEU A 46 -24.40 6.96 1.66
C LEU A 46 -25.70 6.20 1.85
N PRO A 47 -25.92 5.71 3.07
CA PRO A 47 -27.17 4.99 3.37
C PRO A 47 -28.35 5.75 2.88
N SER A 48 -28.32 7.06 3.03
CA SER A 48 -29.51 7.87 2.68
C SER A 48 -29.60 7.99 1.19
N ASP A 49 -29.03 7.22 0.36
CA ASP A 49 -29.18 7.45 -1.11
C ASP A 49 -30.07 6.31 -1.60
N SER A 50 -30.15 5.33 -0.69
CA SER A 50 -30.87 4.13 -1.09
C SER A 50 -31.79 3.62 -0.04
N ILE A 51 -31.92 4.02 1.17
CA ILE A 51 -32.99 3.64 2.09
C ILE A 51 -33.53 4.94 2.71
N GLU A 52 -34.59 4.90 3.46
CA GLU A 52 -35.11 6.12 4.16
C GLU A 52 -34.39 6.20 5.48
N THR A 53 -33.67 7.21 5.88
CA THR A 53 -32.91 7.33 7.13
C THR A 53 -33.52 8.38 8.03
N ARG A 54 -33.00 8.43 9.24
CA ARG A 54 -33.43 9.35 10.33
C ARG A 54 -32.17 10.11 10.71
N THR A 55 -32.22 11.24 11.30
CA THR A 55 -30.95 11.89 11.71
C THR A 55 -30.29 11.18 12.86
N THR A 56 -28.97 11.14 12.77
CA THR A 56 -28.09 10.62 13.84
C THR A 56 -26.80 11.44 13.75
N TYR A 57 -26.16 11.62 14.90
CA TYR A 57 -24.84 12.34 14.93
C TYR A 57 -23.70 11.41 15.11
N MET A 58 -22.53 11.91 14.73
CA MET A 58 -21.30 11.08 14.73
C MET A 58 -20.81 10.89 16.12
N HIS A 59 -20.77 11.90 16.93
CA HIS A 59 -20.18 11.65 18.29
C HIS A 59 -18.76 11.12 18.13
N PHE A 60 -17.98 11.41 17.15
CA PHE A 60 -16.62 10.76 17.05
C PHE A 60 -15.72 11.56 16.18
N ASN A 61 -14.43 11.67 16.28
CA ASN A 61 -13.59 12.46 15.47
C ASN A 61 -12.62 11.71 14.66
N GLY A 62 -12.32 10.50 14.96
CA GLY A 62 -11.31 9.78 14.13
C GLY A 62 -9.92 10.14 14.61
N SER A 63 -9.75 10.48 15.85
CA SER A 63 -8.55 10.79 16.52
C SER A 63 -7.44 9.72 16.50
N GLU A 64 -7.91 8.48 16.71
CA GLU A 64 -6.98 7.32 16.99
C GLU A 64 -6.57 6.56 15.76
N THR A 65 -6.87 7.15 14.63
CA THR A 65 -6.57 6.60 13.32
C THR A 65 -5.68 7.65 12.61
N ASP A 66 -5.36 8.70 13.32
CA ASP A 66 -4.41 9.68 12.75
C ASP A 66 -3.10 8.97 12.49
N VAL A 67 -2.35 9.19 11.46
CA VAL A 67 -1.09 8.44 11.29
C VAL A 67 -0.16 8.75 12.45
N GLU A 68 -0.30 9.89 13.11
CA GLU A 68 0.72 10.13 14.19
C GLU A 68 0.44 9.11 15.26
N CYS A 69 -0.79 8.78 15.46
CA CYS A 69 -1.21 7.88 16.54
C CYS A 69 -0.86 6.45 16.14
N PHE A 70 -1.10 6.17 14.88
CA PHE A 70 -0.91 4.79 14.35
C PHE A 70 0.55 4.38 14.48
N LEU A 71 1.50 5.27 14.16
CA LEU A 71 2.91 4.90 14.19
C LEU A 71 3.54 5.42 15.48
N GLY A 72 2.75 6.08 16.30
CA GLY A 72 3.36 6.70 17.49
C GLY A 72 3.48 5.92 18.72
N ARG A 73 3.45 4.64 18.79
CA ARG A 73 3.64 3.92 20.14
C ARG A 73 4.93 3.17 19.99
N ALA A 74 5.64 2.90 21.03
CA ALA A 74 6.91 2.13 20.98
C ALA A 74 6.70 0.73 20.47
N ALA A 75 7.46 0.20 19.56
CA ALA A 75 7.41 -1.18 19.07
C ALA A 75 8.79 -1.80 19.29
N CYS A 76 8.88 -3.08 19.58
CA CYS A 76 10.25 -3.69 19.76
C CYS A 76 10.87 -3.80 18.39
N VAL A 77 12.03 -3.29 18.21
CA VAL A 77 12.60 -3.34 16.85
C VAL A 77 13.82 -4.22 16.86
N HIS A 78 14.32 -4.69 17.98
CA HIS A 78 15.62 -5.43 17.95
C HIS A 78 15.92 -6.06 19.29
N VAL A 79 16.35 -7.32 19.26
CA VAL A 79 16.79 -7.91 20.54
C VAL A 79 18.20 -8.41 20.33
N THR A 80 19.16 -8.04 21.02
CA THR A 80 20.55 -8.53 20.84
C THR A 80 21.01 -9.02 22.18
N GLU A 81 22.26 -9.46 22.25
CA GLU A 81 22.81 -9.91 23.56
C GLU A 81 24.35 -9.84 23.54
N ILE A 82 24.84 -9.46 24.68
CA ILE A 82 26.27 -9.31 24.99
C ILE A 82 26.54 -10.00 26.32
N GLN A 83 27.78 -10.43 26.59
CA GLN A 83 28.05 -10.97 27.94
C GLN A 83 29.28 -10.33 28.62
N ASN A 84 29.26 -10.41 29.93
CA ASN A 84 30.41 -9.86 30.69
C ASN A 84 31.15 -11.14 31.08
N LYS A 85 32.36 -11.24 30.65
CA LYS A 85 33.15 -12.47 31.03
C LYS A 85 34.60 -12.13 30.86
N ASP A 86 35.52 -12.92 31.37
CA ASP A 86 36.96 -12.64 31.22
C ASP A 86 37.41 -12.72 29.75
N ALA A 87 37.94 -11.58 29.23
CA ALA A 87 38.25 -11.58 27.79
C ALA A 87 39.65 -12.16 27.57
N THR A 88 40.24 -12.46 28.69
CA THR A 88 41.58 -13.07 28.64
C THR A 88 41.56 -14.29 27.71
N GLY A 89 42.51 -14.14 26.73
CA GLY A 89 42.62 -15.13 25.63
C GLY A 89 41.49 -15.16 24.63
N ILE A 90 40.76 -14.02 24.46
CA ILE A 90 39.61 -14.15 23.47
C ILE A 90 40.19 -13.49 22.23
N ASP A 91 40.08 -14.26 21.15
CA ASP A 91 40.78 -13.58 19.95
C ASP A 91 39.84 -12.72 19.24
N ASN A 92 38.55 -12.76 19.61
CA ASN A 92 37.56 -12.01 18.76
C ASN A 92 36.37 -11.65 19.64
N HIS A 93 36.53 -10.44 20.19
CA HIS A 93 35.57 -9.98 21.19
C HIS A 93 34.17 -9.99 20.59
N ARG A 94 34.22 -9.55 19.34
CA ARG A 94 32.90 -9.35 18.66
C ARG A 94 32.24 -10.69 18.62
N GLU A 95 33.09 -11.67 18.28
CA GLU A 95 32.58 -13.01 18.21
C GLU A 95 32.21 -13.63 19.53
N ALA A 96 32.72 -13.21 20.65
CA ALA A 96 32.39 -13.78 21.99
C ALA A 96 31.19 -13.05 22.59
N LYS A 97 30.57 -12.14 21.80
CA LYS A 97 29.55 -11.25 22.28
C LYS A 97 30.14 -10.44 23.50
N LEU A 98 31.40 -10.10 23.38
CA LEU A 98 31.98 -9.25 24.44
C LEU A 98 31.44 -7.86 24.24
N PHE A 99 30.74 -7.83 23.16
CA PHE A 99 30.12 -6.64 22.66
C PHE A 99 29.64 -6.95 21.31
N ASN A 100 28.58 -6.36 20.99
CA ASN A 100 27.91 -6.67 19.75
C ASN A 100 27.43 -5.42 19.12
N ASP A 101 26.95 -5.54 17.91
CA ASP A 101 26.40 -4.36 17.26
C ASP A 101 25.10 -4.67 16.55
N TRP A 102 24.65 -3.68 15.88
CA TRP A 102 23.42 -3.77 15.13
C TRP A 102 23.50 -2.77 14.01
N LYS A 103 23.61 -3.33 12.84
CA LYS A 103 23.69 -2.58 11.60
C LYS A 103 22.23 -2.13 11.39
N ILE A 104 21.94 -1.04 12.13
CA ILE A 104 20.58 -0.43 12.34
C ILE A 104 19.65 -0.48 11.17
N ASN A 105 18.39 -0.61 11.50
CA ASN A 105 17.37 -0.85 10.49
C ASN A 105 16.03 -1.06 11.21
N LEU A 106 14.91 -0.91 10.52
CA LEU A 106 13.60 -0.99 11.25
C LEU A 106 12.71 -2.14 10.75
N SER A 107 12.99 -2.55 9.55
CA SER A 107 12.28 -3.66 8.89
C SER A 107 12.79 -5.06 9.38
N SER A 108 13.58 -5.15 10.44
CA SER A 108 14.09 -6.50 10.92
C SER A 108 12.99 -7.36 11.58
N LEU A 109 12.23 -6.72 12.44
CA LEU A 109 11.08 -7.38 13.18
C LEU A 109 9.80 -6.92 12.49
N VAL A 110 8.87 -7.84 12.26
CA VAL A 110 7.73 -7.58 11.32
C VAL A 110 6.48 -6.84 11.86
N GLN A 111 6.12 -6.93 13.12
CA GLN A 111 4.88 -6.22 13.53
C GLN A 111 4.96 -4.79 13.07
N LEU A 112 5.87 -3.96 13.57
CA LEU A 112 6.02 -2.58 13.08
C LEU A 112 6.24 -2.55 11.59
N ARG A 113 6.97 -3.45 10.99
CA ARG A 113 7.25 -3.37 9.53
C ARG A 113 6.01 -3.35 8.71
N LYS A 114 5.05 -4.21 8.94
CA LYS A 114 3.83 -4.21 8.11
C LYS A 114 3.15 -2.87 8.22
N LYS A 115 3.09 -2.27 9.41
CA LYS A 115 2.50 -0.97 9.68
C LYS A 115 3.18 0.10 8.84
N LEU A 116 4.51 0.19 8.84
CA LEU A 116 5.16 1.21 8.07
C LEU A 116 4.96 1.02 6.57
N GLU A 117 4.87 -0.23 6.15
CA GLU A 117 4.91 -0.44 4.65
C GLU A 117 3.54 -0.29 4.05
N LEU A 118 2.66 0.32 4.79
CA LEU A 118 1.30 0.70 4.31
C LEU A 118 1.44 2.01 3.49
N PHE A 119 2.57 2.68 3.58
CA PHE A 119 3.02 3.90 3.00
C PHE A 119 4.30 3.69 2.18
N THR A 120 4.57 4.52 1.19
CA THR A 120 5.77 4.43 0.38
C THR A 120 6.92 5.21 0.93
N TYR A 121 6.73 6.45 1.35
CA TYR A 121 7.75 7.35 1.93
C TYR A 121 7.24 7.74 3.34
N VAL A 122 8.12 7.87 4.25
CA VAL A 122 7.63 8.14 5.70
C VAL A 122 8.64 9.06 6.24
N ARG A 123 8.31 10.01 7.06
CA ARG A 123 9.31 10.95 7.65
C ARG A 123 8.94 11.11 9.12
N PHE A 124 9.86 10.97 10.06
CA PHE A 124 9.53 11.08 11.47
C PHE A 124 10.78 11.21 12.31
N ASP A 125 10.69 11.70 13.54
CA ASP A 125 11.80 11.67 14.52
C ASP A 125 11.66 10.33 15.26
N SER A 126 12.67 9.80 15.83
CA SER A 126 12.56 8.52 16.52
C SER A 126 12.79 8.73 17.98
N GLU A 127 12.03 8.04 18.77
CA GLU A 127 12.38 8.05 20.20
C GLU A 127 12.79 6.63 20.52
N TYR A 128 13.99 6.31 20.95
CA TYR A 128 14.40 4.95 21.29
C TYR A 128 14.26 4.64 22.76
N THR A 129 13.77 3.51 23.17
CA THR A 129 13.88 3.11 24.63
C THR A 129 14.71 1.86 24.60
N ILE A 130 15.66 1.68 25.44
CA ILE A 130 16.49 0.44 25.42
C ILE A 130 16.35 -0.25 26.75
N LEU A 131 15.77 -1.39 26.83
CA LEU A 131 15.66 -2.14 28.12
C LEU A 131 16.77 -3.18 28.12
N ALA A 132 17.49 -3.40 29.15
CA ALA A 132 18.58 -4.37 29.29
C ALA A 132 18.34 -5.26 30.47
N THR A 133 18.22 -6.52 30.41
CA THR A 133 17.98 -7.32 31.69
C THR A 133 19.08 -8.31 31.79
N ALA A 134 19.44 -8.79 32.98
CA ALA A 134 20.59 -9.75 33.02
C ALA A 134 20.06 -11.11 33.40
N SER A 135 20.75 -12.11 32.98
CA SER A 135 20.54 -13.52 33.21
C SER A 135 21.87 -14.14 33.70
N GLN A 136 21.71 -15.07 34.58
CA GLN A 136 22.93 -15.79 35.11
C GLN A 136 22.63 -17.26 35.09
N PRO A 137 22.61 -17.82 33.88
CA PRO A 137 22.24 -19.22 33.72
C PRO A 137 23.13 -20.14 34.48
N ASP A 138 24.32 -19.83 34.92
CA ASP A 138 24.98 -20.96 35.66
C ASP A 138 25.62 -20.49 36.93
N SER A 139 25.19 -21.05 38.01
CA SER A 139 25.79 -20.83 39.30
C SER A 139 26.55 -19.56 39.53
N ALA A 140 25.92 -18.61 40.23
CA ALA A 140 26.67 -17.36 40.58
C ALA A 140 26.36 -17.08 42.05
N ASN A 141 27.24 -16.42 42.75
CA ASN A 141 26.95 -16.14 44.16
C ASN A 141 25.92 -15.03 44.30
N TYR A 142 25.97 -14.22 43.25
CA TYR A 142 25.18 -13.04 43.17
C TYR A 142 24.99 -12.53 41.76
N SER A 143 24.18 -11.47 41.76
CA SER A 143 23.82 -10.71 40.53
C SER A 143 24.67 -9.49 40.43
N SER A 144 25.50 -9.32 39.45
CA SER A 144 26.44 -8.07 39.64
C SER A 144 25.78 -6.85 39.18
N ASN A 145 26.27 -5.62 39.40
CA ASN A 145 25.55 -4.51 38.72
C ASN A 145 26.47 -3.85 37.72
N LEU A 146 26.03 -4.16 36.50
CA LEU A 146 26.60 -3.81 35.24
C LEU A 146 26.00 -2.51 34.68
N VAL A 147 26.84 -1.75 34.05
CA VAL A 147 26.45 -0.55 33.34
C VAL A 147 26.62 -0.83 31.86
N VAL A 148 25.65 -0.69 31.00
CA VAL A 148 25.79 -0.88 29.55
C VAL A 148 26.24 0.40 28.89
N GLN A 149 26.90 0.44 27.83
CA GLN A 149 27.24 1.71 27.11
C GLN A 149 26.86 1.44 25.66
N ALA A 150 25.75 1.97 25.23
CA ALA A 150 25.32 1.82 23.84
C ALA A 150 25.85 3.02 23.09
N MET A 151 26.52 2.82 21.99
CA MET A 151 27.13 3.98 21.30
C MET A 151 26.74 3.96 19.83
N TYR A 152 26.53 5.13 19.25
CA TYR A 152 26.14 5.22 17.81
C TYR A 152 27.39 5.31 16.97
N VAL A 153 27.50 4.44 16.00
CA VAL A 153 28.69 4.41 15.13
C VAL A 153 28.26 4.64 13.72
N PRO A 154 28.21 5.89 13.24
CA PRO A 154 27.79 6.24 11.89
C PRO A 154 28.77 5.78 10.89
N PRO A 155 28.34 5.81 9.67
CA PRO A 155 29.08 5.28 8.55
C PRO A 155 30.29 6.07 8.30
N GLY A 156 31.42 5.52 8.64
CA GLY A 156 32.68 6.21 8.34
C GLY A 156 33.49 6.38 9.59
N ALA A 157 32.78 6.31 10.68
CA ALA A 157 33.42 6.33 11.98
C ALA A 157 33.97 4.93 12.18
N PRO A 158 35.14 4.81 12.83
CA PRO A 158 35.84 3.55 13.04
C PRO A 158 35.11 2.67 13.96
N ASN A 159 34.64 1.59 13.43
CA ASN A 159 33.99 0.56 14.24
C ASN A 159 34.96 0.11 15.30
N PRO A 160 34.50 -0.36 16.47
CA PRO A 160 35.35 -0.81 17.56
C PRO A 160 35.76 -2.17 17.31
N LYS A 161 36.83 -2.59 17.90
CA LYS A 161 37.27 -3.94 17.64
C LYS A 161 37.33 -4.74 18.88
N GLU A 162 37.75 -4.24 19.95
CA GLU A 162 37.69 -4.97 21.23
C GLU A 162 36.67 -4.33 22.09
N TRP A 163 36.35 -4.93 23.22
CA TRP A 163 35.30 -4.33 24.07
C TRP A 163 35.85 -3.17 24.80
N ASP A 164 37.16 -2.91 24.65
CA ASP A 164 37.64 -1.66 25.30
C ASP A 164 38.60 -0.79 24.52
N ASP A 165 38.55 -0.72 23.20
CA ASP A 165 39.13 0.07 22.19
C ASP A 165 39.10 1.58 22.50
N TYR A 166 39.86 2.28 21.68
CA TYR A 166 39.86 3.80 21.85
C TYR A 166 38.49 4.25 21.40
N THR A 167 37.87 3.50 20.48
CA THR A 167 36.54 3.83 19.95
C THR A 167 35.52 4.20 21.01
N TRP A 168 35.59 3.45 22.12
CA TRP A 168 34.58 3.64 23.18
C TRP A 168 34.74 4.96 23.86
N GLN A 169 35.79 5.67 23.58
CA GLN A 169 36.02 7.01 24.18
C GLN A 169 34.86 7.91 23.73
N SER A 170 34.51 7.62 22.50
CA SER A 170 33.32 8.25 21.86
C SER A 170 33.31 9.73 22.12
N ALA A 171 34.35 10.41 21.71
CA ALA A 171 34.51 11.83 21.99
C ALA A 171 33.65 12.68 21.10
N SER A 172 33.31 12.14 19.95
CA SER A 172 32.46 12.93 19.05
C SER A 172 31.18 12.22 18.77
N ASN A 173 30.89 11.09 19.22
CA ASN A 173 29.76 10.18 18.85
C ASN A 173 28.86 10.06 19.99
N PRO A 174 27.57 10.29 19.88
CA PRO A 174 26.69 10.30 21.08
C PRO A 174 26.68 8.97 21.73
N SER A 175 26.94 8.91 23.03
CA SER A 175 26.73 7.50 23.67
C SER A 175 25.99 7.67 24.97
N VAL A 176 25.18 6.72 25.44
CA VAL A 176 24.43 6.75 26.64
C VAL A 176 24.96 5.59 27.59
N PHE A 177 25.14 5.80 28.83
CA PHE A 177 25.55 4.75 29.80
C PHE A 177 24.35 4.52 30.73
N PHE A 178 23.77 3.42 30.86
CA PHE A 178 22.65 3.17 31.83
C PHE A 178 22.90 1.86 32.53
N LYS A 179 22.14 1.49 33.52
CA LYS A 179 22.37 0.24 34.27
C LYS A 179 21.50 -0.87 33.72
N VAL A 180 22.07 -2.06 33.73
CA VAL A 180 21.24 -3.26 33.34
C VAL A 180 20.00 -3.29 34.20
N GLY A 181 18.81 -3.55 33.71
CA GLY A 181 17.60 -3.61 34.60
C GLY A 181 16.85 -2.31 34.46
N ASP A 182 17.60 -1.27 34.16
CA ASP A 182 17.01 0.02 33.85
C ASP A 182 16.88 0.07 32.32
N THR A 183 16.43 1.19 31.91
CA THR A 183 16.07 1.64 30.60
C THR A 183 16.72 2.90 30.23
N SER A 184 17.01 3.06 29.00
CA SER A 184 17.71 4.36 28.56
C SER A 184 16.77 4.95 27.54
N ARG A 185 16.69 6.22 27.39
CA ARG A 185 15.74 6.80 26.45
C ARG A 185 16.25 8.07 25.91
N PHE A 186 16.23 8.26 24.67
CA PHE A 186 16.81 9.47 24.11
C PHE A 186 16.04 9.61 22.76
N SER A 187 16.26 10.63 22.01
CA SER A 187 15.32 10.72 20.71
C SER A 187 16.24 11.22 19.67
N VAL A 188 16.16 10.78 18.47
CA VAL A 188 17.13 11.21 17.40
C VAL A 188 16.29 11.90 16.34
N PRO A 189 16.68 13.03 15.79
CA PRO A 189 15.95 13.72 14.75
C PRO A 189 15.86 12.86 13.51
N TYR A 190 15.07 13.19 12.54
CA TYR A 190 15.02 12.42 11.26
C TYR A 190 16.37 12.54 10.55
N VAL A 191 17.20 11.47 10.57
CA VAL A 191 18.47 11.45 9.95
C VAL A 191 18.53 11.02 8.50
N GLY A 192 17.45 10.93 7.81
CA GLY A 192 17.48 10.53 6.36
C GLY A 192 18.26 11.49 5.51
N LEU A 193 18.86 11.04 4.42
CA LEU A 193 19.55 11.89 3.50
C LEU A 193 18.52 12.62 2.62
N ALA A 194 17.43 12.04 2.25
CA ALA A 194 16.44 12.71 1.33
C ALA A 194 15.37 13.41 2.12
N SER A 195 14.22 13.61 1.54
CA SER A 195 13.17 14.40 2.24
C SER A 195 12.34 13.46 3.07
N ALA A 196 12.36 12.19 2.75
CA ALA A 196 11.59 11.15 3.47
C ALA A 196 12.42 9.86 3.44
N TYR A 197 12.11 8.88 4.22
CA TYR A 197 12.81 7.56 4.16
C TYR A 197 12.10 6.76 3.08
N ASN A 198 12.74 6.02 2.22
CA ASN A 198 11.31 5.35 1.18
C ASN A 198 11.03 4.12 1.99
N CYS A 199 9.87 3.63 2.04
CA CYS A 199 9.71 2.36 2.73
C CYS A 199 10.11 1.33 1.74
N PHE A 200 10.17 1.86 0.53
CA PHE A 200 10.42 1.05 -0.60
C PHE A 200 11.28 1.72 -1.99
N TYR A 201 11.99 1.01 -2.82
CA TYR A 201 12.90 1.73 -3.77
C TYR A 201 13.08 0.86 -4.99
N ASP A 202 12.53 1.21 -6.15
CA ASP A 202 12.72 0.20 -7.27
C ASP A 202 13.91 0.73 -7.99
N GLY A 203 15.08 0.57 -7.34
CA GLY A 203 16.33 1.08 -8.04
C GLY A 203 17.56 0.33 -7.54
N TYR A 204 18.70 0.77 -7.96
CA TYR A 204 20.04 0.31 -7.66
C TYR A 204 20.90 1.46 -7.19
N SER A 205 22.11 1.23 -6.72
CA SER A 205 22.93 2.31 -6.22
C SER A 205 23.69 2.89 -7.42
N HIS A 206 23.73 2.07 -8.43
CA HIS A 206 24.34 2.57 -9.70
C HIS A 206 24.00 1.57 -10.77
N ASP A 207 24.31 1.91 -12.00
CA ASP A 207 23.91 0.98 -13.07
C ASP A 207 24.97 -0.10 -13.16
N ASP A 208 25.06 -0.95 -12.23
CA ASP A 208 26.02 -2.07 -12.21
C ASP A 208 25.23 -3.31 -12.62
N ALA A 209 25.87 -4.30 -13.17
CA ALA A 209 25.08 -5.45 -13.61
C ALA A 209 24.79 -6.38 -12.45
N GLU A 210 25.51 -6.27 -11.42
CA GLU A 210 25.34 -7.28 -10.34
C GLU A 210 25.08 -6.53 -9.07
N THR A 211 24.82 -5.21 -9.08
CA THR A 211 24.67 -4.57 -7.70
C THR A 211 23.38 -4.99 -7.08
N GLN A 212 23.22 -4.88 -5.76
CA GLN A 212 22.00 -5.38 -5.04
C GLN A 212 20.83 -4.43 -5.43
N TYR A 213 19.64 -4.95 -5.34
CA TYR A 213 18.39 -4.23 -5.68
C TYR A 213 17.61 -3.92 -4.43
N GLY A 214 17.17 -2.69 -4.27
CA GLY A 214 16.25 -2.41 -3.15
C GLY A 214 16.68 -1.26 -2.28
N ILE A 215 16.00 -1.18 -1.18
CA ILE A 215 16.16 -0.08 -0.23
C ILE A 215 17.44 -0.30 0.61
N THR A 216 17.79 -1.55 0.80
CA THR A 216 19.07 -1.93 1.49
C THR A 216 20.23 -0.99 1.14
N VAL A 217 20.25 -0.53 -0.09
CA VAL A 217 21.35 0.36 -0.57
C VAL A 217 21.12 1.82 -0.27
N LEU A 218 19.92 2.11 0.14
CA LEU A 218 19.51 3.51 0.45
C LEU A 218 19.56 3.74 1.94
N ASN A 219 18.89 2.85 2.58
CA ASN A 219 18.68 2.81 4.04
C ASN A 219 19.92 2.39 4.79
N HIS A 220 20.92 3.14 4.54
CA HIS A 220 22.27 2.96 5.06
C HIS A 220 22.48 4.05 6.13
N MET A 221 22.65 3.67 7.40
CA MET A 221 22.62 4.69 8.49
C MET A 221 23.46 4.39 9.68
N GLY A 222 24.33 3.46 9.53
CA GLY A 222 25.24 3.16 10.62
C GLY A 222 24.72 2.00 11.41
N SER A 223 25.34 1.79 12.52
CA SER A 223 25.01 0.66 13.36
C SER A 223 25.23 1.09 14.79
N MET A 224 24.55 0.44 15.70
CA MET A 224 24.66 0.85 17.10
C MET A 224 25.37 -0.25 17.88
N ALA A 225 26.26 0.18 18.74
CA ALA A 225 27.16 -0.77 19.43
C ALA A 225 26.97 -0.78 20.93
N PHE A 226 26.81 -1.94 21.46
CA PHE A 226 26.60 -2.07 22.89
C PHE A 226 27.75 -2.81 23.57
N ARG A 227 28.05 -2.53 24.78
CA ARG A 227 29.06 -3.29 25.53
C ARG A 227 28.77 -3.09 27.01
N ILE A 228 29.33 -3.89 27.86
CA ILE A 228 29.25 -3.68 29.35
C ILE A 228 30.47 -2.94 29.77
N VAL A 229 30.32 -2.01 30.71
CA VAL A 229 31.58 -1.20 30.99
C VAL A 229 32.33 -1.99 32.01
N ASN A 230 31.62 -2.78 32.85
CA ASN A 230 32.25 -3.49 33.95
C ASN A 230 33.30 -4.51 33.47
N GLU A 231 34.35 -4.65 34.31
CA GLU A 231 35.29 -5.75 34.08
C GLU A 231 34.52 -7.00 34.60
N HIS A 232 35.19 -8.14 34.48
CA HIS A 232 34.56 -9.40 34.84
C HIS A 232 34.70 -9.72 36.33
N ASP A 233 33.56 -10.35 36.76
CA ASP A 233 33.47 -10.96 38.08
C ASP A 233 33.84 -12.46 37.84
N GLU A 234 33.69 -13.18 38.95
CA GLU A 234 34.02 -14.63 38.85
C GLU A 234 32.99 -15.29 38.01
N HIS A 235 31.70 -15.02 38.04
CA HIS A 235 30.78 -15.79 37.13
C HIS A 235 30.60 -15.03 35.84
N LYS A 236 29.76 -15.57 35.00
CA LYS A 236 29.52 -14.94 33.66
C LYS A 236 28.14 -14.33 33.72
N THR A 237 27.84 -13.30 33.00
CA THR A 237 26.51 -12.67 33.11
C THR A 237 26.05 -12.40 31.66
N LEU A 238 24.87 -12.86 31.37
CA LEU A 238 24.28 -12.62 30.02
C LEU A 238 23.40 -11.39 30.14
N VAL A 239 23.63 -10.46 29.24
CA VAL A 239 22.78 -9.21 29.25
C VAL A 239 22.11 -9.22 27.89
N LYS A 240 20.82 -9.07 27.88
CA LYS A 240 20.06 -9.15 26.58
C LYS A 240 19.45 -7.76 26.41
N ILE A 241 19.74 -7.16 25.26
CA ILE A 241 19.27 -5.80 24.94
C ILE A 241 18.08 -5.82 24.01
N ARG A 242 17.04 -5.07 24.43
CA ARG A 242 15.83 -4.88 23.59
C ARG A 242 15.68 -3.37 23.23
N VAL A 243 15.70 -3.06 21.95
CA VAL A 243 15.55 -1.69 21.48
C VAL A 243 14.12 -1.45 21.07
N TYR A 244 13.43 -0.47 21.59
CA TYR A 244 12.05 -0.10 21.20
C TYR A 244 12.08 1.18 20.39
N HIS A 245 11.26 1.34 19.38
CA HIS A 245 11.28 2.57 18.57
C HIS A 245 9.89 3.16 18.47
N ARG A 246 9.71 4.43 18.69
CA ARG A 246 8.44 5.17 18.61
C ARG A 246 8.61 6.32 17.62
N ALA A 247 7.83 6.39 16.62
CA ALA A 247 7.87 7.49 15.67
C ALA A 247 7.14 8.69 16.29
N LYS A 248 7.74 9.88 16.20
CA LYS A 248 7.04 11.12 16.67
C LYS A 248 7.24 12.12 15.53
N HIS A 249 6.19 12.90 15.29
CA HIS A 249 6.14 13.91 14.21
C HIS A 249 6.07 13.24 12.88
N VAL A 250 5.13 12.33 12.68
CA VAL A 250 5.03 11.48 11.51
C VAL A 250 4.50 12.10 10.25
N GLU A 251 5.03 11.77 9.15
CA GLU A 251 4.43 12.33 7.85
C GLU A 251 4.50 11.18 6.86
N ALA A 252 3.44 10.78 6.22
CA ALA A 252 3.47 9.57 5.36
C ALA A 252 2.92 9.82 4.03
N TRP A 253 3.44 9.41 2.91
CA TRP A 253 2.87 9.67 1.59
C TRP A 253 2.63 8.37 0.84
N ILE A 254 1.67 8.37 -0.04
CA ILE A 254 1.29 7.34 -0.97
C ILE A 254 0.96 6.00 -0.39
N PRO A 255 -0.29 5.74 -0.03
CA PRO A 255 -0.70 4.45 0.59
C PRO A 255 -0.51 3.31 -0.36
N ARG A 256 -0.24 2.11 0.09
CA ARG A 256 -0.07 0.94 -0.81
C ARG A 256 -0.86 -0.23 -0.28
N ALA A 257 -0.99 -1.28 -1.00
CA ALA A 257 -1.70 -2.52 -0.61
C ALA A 257 -1.00 -3.15 0.57
N PRO A 258 -1.68 -3.68 1.61
CA PRO A 258 -1.01 -4.22 2.80
C PRO A 258 -0.22 -5.44 2.45
N ARG A 259 0.79 -5.84 3.22
CA ARG A 259 1.54 -7.03 3.01
C ARG A 259 0.72 -8.31 3.19
N ALA A 260 0.68 -9.19 2.25
CA ALA A 260 -0.13 -10.40 2.36
C ALA A 260 0.76 -11.57 2.71
N LEU A 261 1.85 -11.84 2.00
CA LEU A 261 2.71 -13.02 2.29
C LEU A 261 3.72 -12.66 3.37
N PRO A 262 4.35 -13.67 3.91
CA PRO A 262 5.35 -13.54 4.97
C PRO A 262 6.57 -12.90 4.37
N TYR A 263 7.41 -12.37 5.23
CA TYR A 263 8.66 -11.69 4.87
C TYR A 263 9.83 -12.70 4.97
N THR A 264 10.88 -12.47 4.21
CA THR A 264 12.01 -13.38 4.22
C THR A 264 13.25 -12.61 4.50
N SER A 265 13.33 -11.36 4.13
CA SER A 265 14.61 -10.58 4.23
C SER A 265 14.46 -9.15 4.63
N ILE A 266 15.40 -8.52 5.33
CA ILE A 266 15.37 -7.08 5.59
C ILE A 266 15.59 -6.42 4.22
N GLY A 267 14.64 -5.59 3.86
CA GLY A 267 14.81 -4.74 2.68
C GLY A 267 14.47 -5.31 1.38
N ARG A 268 14.01 -6.56 1.31
CA ARG A 268 13.52 -6.94 -0.08
C ARG A 268 12.09 -7.37 0.15
N THR A 269 11.34 -7.32 -0.89
CA THR A 269 9.92 -7.61 -0.93
C THR A 269 9.57 -9.07 -1.05
N ASN A 270 10.64 -9.87 -1.30
CA ASN A 270 10.59 -11.27 -1.48
C ASN A 270 9.74 -12.03 -0.37
N TYR A 271 9.01 -12.93 -0.88
CA TYR A 271 8.19 -13.86 -0.09
C TYR A 271 8.73 -15.28 -0.33
N PRO A 272 8.45 -16.17 0.59
CA PRO A 272 8.90 -17.55 0.54
C PRO A 272 8.24 -18.41 -0.48
N LYS A 273 8.94 -19.40 -1.10
CA LYS A 273 8.32 -20.28 -2.12
C LYS A 273 7.41 -21.32 -1.53
N ASN A 274 6.46 -21.74 -2.32
CA ASN A 274 5.49 -22.75 -1.66
C ASN A 274 5.27 -22.07 -0.23
N THR A 275 4.42 -21.09 -0.42
CA THR A 275 3.89 -20.31 0.74
C THR A 275 2.52 -20.84 0.94
N GLU A 276 1.60 -20.45 1.77
CA GLU A 276 0.22 -21.11 1.67
C GLU A 276 -0.79 -20.14 1.17
N PRO A 277 -1.88 -20.64 0.67
CA PRO A 277 -2.96 -19.69 0.15
C PRO A 277 -3.26 -18.76 1.34
N VAL A 278 -3.31 -17.49 1.01
CA VAL A 278 -3.55 -16.44 2.02
C VAL A 278 -5.02 -16.14 2.04
N ILE A 279 -5.81 -16.46 1.05
CA ILE A 279 -7.27 -16.18 1.16
C ILE A 279 -7.96 -17.40 1.73
N LYS A 280 -8.66 -17.41 2.79
CA LYS A 280 -9.38 -18.54 3.41
C LYS A 280 -10.40 -19.16 2.46
N LYS A 281 -10.30 -20.40 2.20
CA LYS A 281 -11.27 -21.09 1.33
C LYS A 281 -12.59 -21.29 2.07
N ARG A 282 -13.68 -21.08 1.35
CA ARG A 282 -14.99 -21.30 1.92
C ARG A 282 -15.19 -22.73 2.36
N LYS A 283 -15.96 -22.80 3.43
CA LYS A 283 -16.35 -24.32 3.80
C LYS A 283 -17.71 -24.39 3.19
N GLY A 284 -17.88 -24.61 1.92
CA GLY A 284 -19.22 -24.59 1.30
C GLY A 284 -19.11 -23.85 -0.02
N ASP A 285 -20.14 -23.56 -0.69
CA ASP A 285 -20.37 -22.80 -1.77
C ASP A 285 -20.06 -21.36 -1.82
N ILE A 286 -20.21 -20.84 -3.12
CA ILE A 286 -20.14 -19.33 -3.15
C ILE A 286 -21.42 -18.85 -2.35
N LYS A 287 -22.47 -19.69 -2.50
CA LYS A 287 -23.75 -19.37 -1.92
C LYS A 287 -23.78 -19.49 -0.43
N SER A 288 -22.81 -20.10 0.20
CA SER A 288 -22.81 -20.31 1.68
C SER A 288 -22.86 -19.16 2.59
N TYR A 289 -23.38 -19.21 3.78
CA TYR A 289 -23.29 -17.98 4.66
C TYR A 289 -22.10 -18.06 5.60
N GLY B 8 -22.82 18.61 -25.66
CA GLY B 8 -22.70 17.23 -26.37
C GLY B 8 -21.31 16.68 -25.97
N TYR B 9 -20.73 17.39 -24.98
CA TYR B 9 -19.37 16.83 -24.53
C TYR B 9 -19.73 15.60 -23.77
N SER B 10 -19.00 14.53 -23.96
CA SER B 10 -19.31 13.31 -23.15
C SER B 10 -18.02 13.06 -22.38
N ASP B 11 -18.03 12.41 -21.33
CA ASP B 11 -16.90 11.91 -20.63
C ASP B 11 -16.06 10.95 -21.48
N ARG B 12 -16.74 10.37 -22.44
CA ARG B 12 -16.58 9.42 -23.44
C ARG B 12 -15.68 9.74 -24.61
N VAL B 13 -15.76 10.87 -25.23
CA VAL B 13 -14.86 11.27 -26.31
C VAL B 13 -13.79 12.20 -25.82
N GLN B 14 -12.57 12.11 -26.23
CA GLN B 14 -11.50 12.96 -25.76
C GLN B 14 -10.42 13.10 -26.78
N GLN B 15 -9.69 14.18 -26.65
CA GLN B 15 -8.56 14.44 -27.51
C GLN B 15 -7.40 14.90 -26.64
N ILE B 16 -6.24 14.32 -26.74
CA ILE B 16 -5.06 14.82 -26.01
C ILE B 16 -4.02 15.22 -27.02
N THR B 17 -3.60 16.42 -27.16
CA THR B 17 -2.59 16.84 -28.12
C THR B 17 -1.34 17.20 -27.31
N LEU B 18 -0.28 16.62 -27.62
CA LEU B 18 0.96 16.86 -26.79
C LEU B 18 2.09 16.78 -27.80
N GLY B 19 2.67 17.91 -28.01
CA GLY B 19 3.76 18.10 -28.92
C GLY B 19 3.15 18.08 -30.33
N ASN B 20 3.60 17.15 -31.04
CA ASN B 20 3.33 17.02 -32.52
C ASN B 20 2.52 15.80 -32.73
N SER B 21 1.93 15.30 -31.62
CA SER B 21 1.13 14.10 -31.65
C SER B 21 -0.22 14.19 -30.93
N THR B 22 -1.27 13.67 -31.49
CA THR B 22 -2.59 13.71 -30.96
C THR B 22 -3.26 12.35 -30.91
N ILE B 23 -4.01 12.09 -29.90
CA ILE B 23 -4.79 10.90 -29.63
C ILE B 23 -6.27 11.19 -29.53
N THR B 24 -7.14 10.48 -30.14
CA THR B 24 -8.57 10.72 -30.00
C THR B 24 -9.15 9.40 -29.48
N THR B 25 -10.00 9.41 -28.53
CA THR B 25 -10.76 8.28 -28.10
C THR B 25 -12.25 8.66 -28.12
N GLN B 26 -13.02 7.75 -28.65
CA GLN B 26 -14.48 7.96 -28.73
C GLN B 26 -15.17 7.09 -27.69
N GLU B 27 -14.44 6.44 -26.83
CA GLU B 27 -15.01 5.57 -25.81
C GLU B 27 -14.23 5.48 -24.54
N ALA B 28 -13.93 6.58 -23.94
CA ALA B 28 -13.17 6.80 -22.76
C ALA B 28 -14.05 6.59 -21.52
N ALA B 29 -13.52 6.55 -20.32
CA ALA B 29 -14.20 6.50 -19.07
C ALA B 29 -13.44 7.48 -18.15
N ASN B 30 -13.65 8.73 -18.52
CA ASN B 30 -12.97 9.87 -17.74
C ASN B 30 -11.46 9.63 -17.79
N ALA B 31 -10.63 10.11 -16.94
CA ALA B 31 -9.19 9.94 -16.93
C ALA B 31 -8.78 10.16 -15.46
N VAL B 32 -7.73 9.55 -15.07
CA VAL B 32 -7.31 9.66 -13.67
C VAL B 32 -6.07 10.54 -13.67
N VAL B 33 -6.02 11.36 -12.63
CA VAL B 33 -4.79 12.18 -12.44
C VAL B 33 -4.25 11.77 -11.07
N CYS B 34 -3.18 11.00 -11.06
CA CYS B 34 -2.66 10.46 -9.81
C CYS B 34 -2.67 11.42 -8.66
N TYR B 35 -3.33 11.02 -7.56
CA TYR B 35 -3.27 11.78 -6.30
C TYR B 35 -3.77 13.17 -6.55
N ALA B 36 -4.58 13.25 -7.61
CA ALA B 36 -5.21 14.55 -7.95
C ALA B 36 -4.19 15.62 -8.20
N GLU B 37 -3.02 15.40 -8.66
CA GLU B 37 -2.03 16.37 -9.02
C GLU B 37 -1.53 16.23 -10.42
N TRP B 38 -1.40 17.28 -11.10
CA TRP B 38 -0.99 17.33 -12.55
C TRP B 38 0.43 17.58 -12.69
N PRO B 39 1.15 17.04 -13.62
CA PRO B 39 2.67 17.16 -13.65
C PRO B 39 3.06 18.62 -13.62
N GLU B 40 4.03 19.13 -12.95
CA GLU B 40 4.55 20.49 -12.99
C GLU B 40 6.08 20.52 -12.89
N TYR B 41 6.76 21.56 -13.33
CA TYR B 41 8.24 21.58 -13.22
C TYR B 41 8.67 21.77 -11.76
N LEU B 42 10.01 21.65 -11.65
CA LEU B 42 10.59 21.66 -10.30
C LEU B 42 10.81 23.08 -9.83
N PRO B 43 10.11 23.47 -8.81
CA PRO B 43 10.24 24.80 -8.22
C PRO B 43 11.56 25.04 -7.56
N ASP B 44 12.04 26.29 -7.48
CA ASP B 44 13.32 26.60 -6.88
C ASP B 44 13.37 26.26 -5.39
N VAL B 45 12.25 26.47 -4.78
CA VAL B 45 12.20 26.31 -3.29
C VAL B 45 12.51 24.83 -3.00
N ASP B 46 12.23 23.96 -3.95
CA ASP B 46 12.49 22.53 -3.81
C ASP B 46 13.80 22.02 -4.41
N ALA B 47 14.48 22.83 -5.15
CA ALA B 47 15.71 22.57 -5.83
C ALA B 47 16.90 22.41 -4.92
N SER B 48 17.87 21.62 -5.33
CA SER B 48 19.10 21.40 -4.64
C SER B 48 20.31 21.53 -5.60
N ASP B 49 20.36 20.73 -6.61
CA ASP B 49 21.44 20.84 -7.64
C ASP B 49 21.46 22.27 -8.18
N VAL B 50 22.62 22.93 -8.33
CA VAL B 50 22.62 24.32 -8.72
C VAL B 50 22.56 24.49 -10.22
N ASN B 51 22.54 23.41 -10.93
CA ASN B 51 22.61 23.50 -12.42
C ASN B 51 21.34 23.99 -13.04
N LYS B 52 21.41 24.82 -14.00
CA LYS B 52 20.14 25.28 -14.76
C LYS B 52 19.60 24.06 -15.42
N THR B 53 18.37 23.67 -15.52
CA THR B 53 18.00 22.39 -16.20
C THR B 53 17.66 22.58 -17.65
N SER B 54 17.47 21.53 -18.45
CA SER B 54 17.22 21.70 -19.92
C SER B 54 15.80 21.25 -20.16
N LYS B 55 15.04 21.99 -20.90
CA LYS B 55 13.58 21.53 -21.00
C LYS B 55 13.27 21.43 -22.46
N PRO B 56 13.55 20.31 -23.07
CA PRO B 56 13.44 20.12 -24.50
C PRO B 56 12.02 20.36 -24.95
N ASP B 57 11.06 20.41 -24.02
CA ASP B 57 9.72 20.71 -24.44
C ASP B 57 9.17 19.72 -25.48
N THR B 58 8.68 20.27 -26.59
CA THR B 58 7.94 19.51 -27.57
C THR B 58 8.70 18.39 -28.20
N SER B 59 9.96 18.32 -28.12
CA SER B 59 10.72 17.23 -28.78
C SER B 59 10.74 16.03 -27.89
N VAL B 60 10.54 16.11 -26.61
CA VAL B 60 10.47 15.02 -25.70
C VAL B 60 9.05 14.89 -25.19
N CYS B 61 8.24 15.92 -25.21
CA CYS B 61 6.87 15.74 -24.59
C CYS B 61 5.86 15.44 -25.61
N ARG B 62 5.96 14.34 -26.30
CA ARG B 62 5.03 13.91 -27.36
C ARG B 62 4.68 12.48 -27.03
N PHE B 63 3.87 11.83 -27.86
CA PHE B 63 3.38 10.45 -27.51
C PHE B 63 4.18 9.38 -28.17
N TYR B 64 4.83 8.51 -27.44
CA TYR B 64 5.51 7.31 -28.04
C TYR B 64 4.61 6.08 -27.89
N THR B 65 4.30 5.40 -28.98
CA THR B 65 3.49 4.15 -28.88
C THR B 65 4.39 2.95 -28.80
N LEU B 66 4.57 2.31 -27.70
CA LEU B 66 5.26 1.04 -27.54
C LEU B 66 4.64 -0.06 -28.43
N ASP B 67 5.50 -1.06 -28.68
CA ASP B 67 5.00 -2.22 -29.44
C ASP B 67 3.84 -2.93 -28.86
N SER B 68 2.95 -3.47 -29.69
CA SER B 68 1.68 -4.02 -29.14
C SER B 68 1.61 -5.30 -28.44
N LYS B 69 0.85 -5.62 -27.49
CA LYS B 69 0.74 -6.94 -26.82
C LYS B 69 -0.52 -7.66 -27.36
N THR B 70 -0.61 -8.97 -27.07
CA THR B 70 -1.75 -9.76 -27.51
C THR B 70 -2.44 -10.48 -26.36
N TRP B 71 -3.64 -10.03 -26.12
CA TRP B 71 -4.43 -10.55 -24.96
C TRP B 71 -5.08 -11.80 -25.55
N THR B 72 -4.84 -12.81 -24.84
CA THR B 72 -5.45 -14.11 -25.16
C THR B 72 -5.93 -14.67 -23.79
N THR B 73 -6.70 -15.70 -24.04
CA THR B 73 -7.39 -16.29 -22.90
C THR B 73 -6.43 -16.78 -21.89
N GLY B 74 -5.20 -16.99 -22.28
CA GLY B 74 -4.26 -17.41 -21.24
C GLY B 74 -3.44 -16.34 -20.62
N SER B 75 -3.63 -15.09 -20.99
CA SER B 75 -2.70 -13.97 -20.57
C SER B 75 -2.67 -13.79 -19.10
N LYS B 76 -1.57 -13.50 -18.46
CA LYS B 76 -1.58 -13.21 -17.04
C LYS B 76 -1.47 -11.71 -16.81
N GLY B 77 -0.80 -10.96 -17.62
CA GLY B 77 -0.76 -9.45 -17.40
C GLY B 77 0.58 -8.97 -17.82
N TRP B 78 0.88 -7.71 -18.01
CA TRP B 78 2.23 -7.23 -18.44
C TRP B 78 2.65 -6.08 -17.53
N CYS B 79 3.89 -5.80 -17.44
CA CYS B 79 4.37 -4.75 -16.56
C CYS B 79 5.48 -3.98 -17.25
N TRP B 80 5.39 -2.66 -17.30
CA TRP B 80 6.41 -1.78 -17.87
C TRP B 80 6.92 -0.86 -16.73
N LYS B 81 8.13 -0.46 -16.81
CA LYS B 81 8.68 0.50 -15.79
C LYS B 81 8.97 1.81 -16.48
N LEU B 82 8.84 2.95 -15.80
CA LEU B 82 9.14 4.30 -16.33
C LEU B 82 10.26 4.94 -15.49
N PRO B 83 11.23 5.64 -16.07
CA PRO B 83 11.31 5.92 -17.49
C PRO B 83 11.84 4.86 -18.38
N ASP B 84 12.11 3.66 -17.95
CA ASP B 84 12.71 2.59 -18.76
C ASP B 84 12.04 2.36 -20.11
N ALA B 85 10.76 2.03 -20.10
CA ALA B 85 10.01 1.80 -21.29
C ALA B 85 10.38 2.82 -22.33
N LEU B 86 10.72 4.02 -21.98
CA LEU B 86 11.00 5.02 -23.04
C LEU B 86 12.48 5.18 -23.30
N LYS B 87 13.39 4.47 -22.76
CA LYS B 87 14.85 4.60 -22.82
C LYS B 87 15.37 4.70 -24.22
N ASP B 88 14.64 4.29 -25.19
CA ASP B 88 14.99 4.37 -26.58
C ASP B 88 14.09 5.17 -27.46
N MET B 89 13.17 5.97 -26.95
CA MET B 89 12.28 6.71 -27.81
C MET B 89 12.87 8.07 -28.11
N GLY B 90 13.20 8.23 -29.35
CA GLY B 90 13.57 9.54 -29.96
C GLY B 90 14.53 10.31 -29.09
N VAL B 91 14.34 11.62 -29.03
CA VAL B 91 15.24 12.46 -28.23
C VAL B 91 14.99 12.32 -26.74
N PHE B 92 13.89 11.72 -26.31
CA PHE B 92 13.62 11.56 -24.87
C PHE B 92 14.77 10.69 -24.35
N GLY B 93 14.89 9.55 -24.99
CA GLY B 93 15.94 8.62 -24.68
C GLY B 93 17.31 9.17 -24.74
N GLN B 94 17.66 9.98 -25.68
CA GLN B 94 19.07 10.45 -25.78
C GLN B 94 19.40 11.27 -24.54
N ASN B 95 18.48 12.18 -24.25
CA ASN B 95 18.58 13.13 -23.13
C ASN B 95 18.83 12.35 -21.86
N MET B 96 18.07 11.25 -21.77
CA MET B 96 18.11 10.33 -20.65
C MET B 96 19.49 9.80 -20.40
N PHE B 97 20.18 9.29 -21.43
CA PHE B 97 21.51 8.71 -21.28
C PHE B 97 22.61 9.72 -21.13
N PHE B 98 22.40 10.91 -21.64
CA PHE B 98 23.31 12.01 -21.65
C PHE B 98 23.21 12.86 -20.41
N HIS B 99 22.17 13.03 -19.63
CA HIS B 99 22.30 13.85 -18.41
C HIS B 99 22.41 12.97 -17.19
N SER B 100 23.07 13.46 -16.21
CA SER B 100 23.23 12.90 -14.88
C SER B 100 21.91 12.77 -14.15
N LEU B 101 20.99 13.65 -14.32
CA LEU B 101 19.71 13.67 -13.58
C LEU B 101 18.58 14.06 -14.47
N GLY B 102 17.38 13.70 -14.21
CA GLY B 102 16.28 14.17 -15.19
C GLY B 102 15.03 14.01 -14.33
N ARG B 103 13.93 14.47 -14.80
CA ARG B 103 12.66 14.34 -13.98
C ARG B 103 11.52 14.42 -14.96
N SER B 104 10.41 13.71 -14.71
CA SER B 104 9.32 13.77 -15.71
C SER B 104 7.99 13.29 -15.21
N GLY B 105 6.89 13.70 -15.75
CA GLY B 105 5.55 13.19 -15.43
C GLY B 105 5.13 12.51 -16.74
N TYR B 106 3.99 11.84 -16.84
CA TYR B 106 3.62 11.22 -18.11
C TYR B 106 2.12 11.22 -18.30
N THR B 107 1.67 11.12 -19.53
CA THR B 107 0.27 10.78 -19.80
C THR B 107 0.32 9.33 -20.35
N VAL B 108 -0.33 8.37 -19.78
CA VAL B 108 -0.35 6.96 -20.24
C VAL B 108 -1.70 6.71 -20.87
N HIS B 109 -1.74 6.19 -22.06
CA HIS B 109 -3.09 5.95 -22.73
C HIS B 109 -3.14 4.49 -23.10
N VAL B 110 -3.79 3.58 -22.48
CA VAL B 110 -3.82 2.13 -22.87
C VAL B 110 -5.07 1.86 -23.71
N GLN B 111 -4.91 1.22 -24.83
CA GLN B 111 -5.95 1.01 -25.83
C GLN B 111 -6.32 -0.47 -26.09
N CYS B 112 -7.60 -0.77 -26.08
CA CYS B 112 -8.02 -2.13 -26.42
C CYS B 112 -9.45 -2.15 -26.90
N ASN B 113 -9.72 -2.25 -28.17
CA ASN B 113 -11.16 -2.23 -28.62
C ASN B 113 -11.62 -3.63 -29.06
N ALA B 114 -12.87 -3.92 -29.01
CA ALA B 114 -13.43 -5.25 -29.30
C ALA B 114 -14.78 -5.07 -29.96
N THR B 115 -15.82 -5.77 -29.60
CA THR B 115 -17.16 -5.47 -30.19
C THR B 115 -18.18 -5.67 -29.07
N LYS B 116 -19.47 -5.40 -29.34
CA LYS B 116 -20.47 -5.57 -28.23
C LYS B 116 -20.77 -7.03 -27.96
N PHE B 117 -20.03 -7.96 -28.50
CA PHE B 117 -20.29 -9.40 -28.18
C PHE B 117 -19.14 -9.90 -27.32
N HIS B 118 -18.01 -9.17 -27.31
CA HIS B 118 -16.87 -9.61 -26.44
C HIS B 118 -17.12 -9.26 -24.99
N SER B 119 -16.41 -9.84 -24.06
CA SER B 119 -16.42 -9.57 -22.63
C SER B 119 -14.92 -9.67 -22.22
N GLY B 120 -14.63 -9.11 -21.12
CA GLY B 120 -13.17 -9.15 -20.65
C GLY B 120 -13.02 -7.79 -19.92
N CYS B 121 -12.12 -7.70 -19.00
CA CYS B 121 -11.91 -6.45 -18.28
C CYS B 121 -10.49 -6.33 -17.84
N LEU B 122 -9.68 -5.35 -18.19
CA LEU B 122 -8.27 -5.23 -17.81
C LEU B 122 -8.16 -4.24 -16.65
N LEU B 123 -7.27 -4.36 -15.73
CA LEU B 123 -7.02 -3.31 -14.69
C LEU B 123 -5.81 -2.53 -15.19
N VAL B 124 -5.78 -1.27 -15.29
CA VAL B 124 -4.62 -0.48 -15.71
C VAL B 124 -4.16 0.28 -14.48
N VAL B 125 -3.04 0.04 -13.87
CA VAL B 125 -2.69 0.69 -12.59
C VAL B 125 -1.30 1.22 -12.61
N VAL B 126 -1.05 2.30 -11.90
CA VAL B 126 0.32 2.87 -11.82
C VAL B 126 0.82 2.70 -10.41
N ILE B 127 1.91 2.03 -10.15
CA ILE B 127 2.39 1.83 -8.77
C ILE B 127 3.66 2.61 -8.48
N PRO B 128 3.63 3.64 -7.65
CA PRO B 128 4.85 4.41 -7.37
C PRO B 128 5.75 3.48 -6.57
N GLU B 129 7.03 3.46 -6.89
CA GLU B 129 8.06 2.66 -6.31
C GLU B 129 7.79 1.20 -6.21
N HIS B 130 7.46 0.51 -7.23
CA HIS B 130 7.19 -0.91 -7.30
C HIS B 130 8.41 -1.80 -7.16
N GLN B 131 8.93 -2.01 -6.01
CA GLN B 131 10.14 -2.85 -5.77
C GLN B 131 9.71 -4.29 -5.94
N LEU B 132 10.22 -5.01 -6.90
CA LEU B 132 9.81 -6.40 -7.24
C LEU B 132 10.42 -7.40 -6.26
N ALA B 133 9.94 -8.60 -6.24
CA ALA B 133 10.48 -9.68 -5.36
C ALA B 133 11.20 -10.70 -6.20
N SER B 134 12.22 -11.33 -5.63
CA SER B 134 12.93 -12.43 -6.36
C SER B 134 12.07 -13.66 -6.21
N HIS B 135 11.86 -14.45 -7.20
CA HIS B 135 11.11 -15.74 -6.99
C HIS B 135 11.93 -16.70 -6.17
N GLU B 136 13.23 -16.55 -6.05
CA GLU B 136 14.02 -17.41 -5.19
C GLU B 136 13.69 -17.34 -3.72
N GLY B 137 13.12 -16.30 -3.24
CA GLY B 137 12.85 -16.14 -1.77
C GLY B 137 14.08 -15.60 -1.07
N GLY B 138 14.14 -15.83 0.21
CA GLY B 138 15.33 -15.42 0.99
C GLY B 138 15.73 -14.02 0.76
N ASN B 139 16.91 -13.73 0.34
CA ASN B 139 17.30 -12.31 0.06
C ASN B 139 18.01 -12.29 -1.27
N VAL B 140 17.55 -13.14 -2.16
CA VAL B 140 18.11 -13.17 -3.54
C VAL B 140 17.74 -11.82 -4.16
N SER B 141 18.63 -11.20 -4.90
CA SER B 141 18.25 -9.86 -5.49
C SER B 141 17.65 -10.06 -6.86
N VAL B 142 17.14 -9.06 -7.51
CA VAL B 142 16.59 -9.13 -8.85
C VAL B 142 17.58 -8.31 -9.70
N LYS B 143 18.32 -8.94 -10.56
CA LYS B 143 19.33 -8.22 -11.34
C LYS B 143 18.64 -7.16 -12.25
N TYR B 144 19.45 -6.14 -12.46
CA TYR B 144 19.27 -4.92 -13.20
C TYR B 144 18.54 -5.15 -14.50
N THR B 145 19.21 -5.88 -15.32
CA THR B 145 18.56 -6.24 -16.60
C THR B 145 17.15 -6.70 -16.39
N PHE B 146 16.90 -7.52 -15.43
CA PHE B 146 15.52 -7.97 -15.24
C PHE B 146 14.53 -6.92 -14.91
N THR B 147 14.88 -5.83 -14.32
CA THR B 147 13.98 -4.78 -13.95
C THR B 147 14.14 -3.64 -14.96
N HIS B 148 14.74 -3.86 -16.06
CA HIS B 148 14.89 -2.85 -17.08
C HIS B 148 14.58 -3.44 -18.46
N PRO B 149 13.43 -4.10 -18.59
CA PRO B 149 13.02 -4.72 -19.81
C PRO B 149 12.90 -3.79 -20.95
N GLY B 150 12.87 -2.50 -20.77
CA GLY B 150 12.76 -1.60 -21.98
C GLY B 150 11.32 -1.72 -22.47
N GLU B 151 11.17 -1.41 -23.73
CA GLU B 151 9.80 -1.23 -24.32
C GLU B 151 9.09 -2.52 -24.27
N ARG B 152 9.79 -3.61 -24.21
CA ARG B 152 9.19 -4.96 -24.17
C ARG B 152 8.39 -5.18 -22.91
N GLY B 153 8.83 -4.59 -21.81
CA GLY B 153 8.15 -4.72 -20.51
C GLY B 153 8.36 -6.15 -20.04
N ILE B 154 7.78 -6.56 -19.00
CA ILE B 154 7.85 -7.84 -18.38
C ILE B 154 6.55 -8.58 -18.66
N ASP B 155 6.55 -9.84 -19.03
CA ASP B 155 5.35 -10.60 -19.36
C ASP B 155 5.18 -11.62 -18.21
N LEU B 156 4.19 -11.28 -17.45
CA LEU B 156 3.83 -12.06 -16.28
C LEU B 156 3.45 -13.47 -16.60
N SER B 157 3.45 -13.87 -17.82
CA SER B 157 3.06 -15.31 -18.07
C SER B 157 4.28 -15.98 -18.68
N SER B 158 5.39 -15.26 -18.69
CA SER B 158 6.67 -15.82 -19.12
C SER B 158 7.20 -16.66 -17.96
N ALA B 159 8.24 -17.41 -18.18
CA ALA B 159 8.77 -18.29 -17.09
C ALA B 159 9.71 -17.63 -16.11
N ASN B 160 9.77 -18.17 -14.88
CA ASN B 160 10.80 -17.59 -13.95
C ASN B 160 12.14 -17.66 -14.64
N GLU B 161 12.96 -16.66 -14.48
CA GLU B 161 14.36 -16.75 -15.05
C GLU B 161 15.29 -16.48 -13.87
N VAL B 162 16.58 -16.55 -14.12
CA VAL B 162 17.47 -16.55 -12.87
C VAL B 162 17.93 -15.16 -12.69
N GLY B 163 17.57 -14.58 -11.56
CA GLY B 163 18.05 -13.18 -11.33
C GLY B 163 16.94 -12.22 -11.72
N GLY B 164 15.89 -12.85 -12.21
CA GLY B 164 14.68 -12.09 -12.57
C GLY B 164 13.73 -12.07 -11.35
N PRO B 165 12.64 -11.29 -11.49
CA PRO B 165 11.60 -11.18 -10.48
C PRO B 165 10.64 -12.34 -10.54
N VAL B 166 9.80 -12.49 -9.56
CA VAL B 166 8.71 -13.51 -9.53
C VAL B 166 7.60 -13.01 -10.44
N LYS B 167 6.78 -13.84 -11.07
CA LYS B 167 5.77 -13.23 -12.00
C LYS B 167 4.38 -13.66 -11.67
N ASP B 168 4.15 -14.03 -10.46
CA ASP B 168 2.88 -14.50 -9.90
C ASP B 168 1.87 -13.40 -9.83
N VAL B 169 0.85 -13.24 -10.56
CA VAL B 169 -0.13 -12.19 -10.48
C VAL B 169 -0.90 -12.05 -9.16
N LEU B 170 -1.46 -13.09 -8.52
CA LEU B 170 -2.28 -12.77 -7.28
C LEU B 170 -1.34 -12.05 -6.31
N TYR B 171 -0.06 -11.91 -6.49
CA TYR B 171 0.77 -11.19 -5.51
C TYR B 171 1.45 -9.93 -5.98
N ASN B 172 1.08 -9.28 -7.08
CA ASN B 172 1.61 -8.04 -7.55
C ASN B 172 3.12 -8.07 -7.69
N MET B 173 3.76 -9.20 -7.79
CA MET B 173 5.23 -9.24 -7.90
C MET B 173 5.90 -8.70 -6.63
N ASN B 174 5.18 -8.67 -5.51
CA ASN B 174 5.80 -8.22 -4.27
C ASN B 174 5.17 -8.68 -2.98
N GLY B 175 4.34 -9.64 -2.82
CA GLY B 175 3.87 -10.02 -1.52
C GLY B 175 2.63 -9.27 -1.12
N THR B 176 1.93 -8.68 -2.04
CA THR B 176 0.59 -8.02 -1.70
C THR B 176 -0.46 -8.57 -2.58
N LEU B 177 -1.72 -8.50 -2.26
CA LEU B 177 -2.75 -9.18 -3.10
C LEU B 177 -3.28 -8.34 -4.24
N LEU B 178 -3.49 -8.93 -5.42
CA LEU B 178 -4.01 -8.29 -6.61
C LEU B 178 -5.24 -7.44 -6.26
N GLY B 179 -6.16 -7.97 -5.55
CA GLY B 179 -7.34 -7.26 -5.10
C GLY B 179 -7.10 -5.91 -4.54
N ASN B 180 -6.00 -5.55 -3.91
CA ASN B 180 -5.78 -4.26 -3.28
C ASN B 180 -4.99 -3.30 -4.09
N LEU B 181 -4.78 -3.53 -5.30
CA LEU B 181 -4.00 -2.67 -6.21
C LEU B 181 -4.86 -1.44 -6.49
N LEU B 182 -6.11 -1.56 -6.15
CA LEU B 182 -7.09 -0.49 -6.38
C LEU B 182 -6.75 0.68 -5.49
N ILE B 183 -5.92 0.50 -4.42
CA ILE B 183 -5.53 1.72 -3.68
C ILE B 183 -4.59 2.59 -4.55
N PHE B 184 -3.99 2.10 -5.63
CA PHE B 184 -3.15 2.92 -6.52
C PHE B 184 -3.97 3.55 -7.63
N PRO B 185 -3.57 4.73 -8.12
CA PRO B 185 -4.34 5.39 -9.24
C PRO B 185 -4.58 4.35 -10.29
N HIS B 186 -5.77 4.09 -10.69
CA HIS B 186 -5.95 3.04 -11.73
C HIS B 186 -7.24 3.27 -12.44
N GLN B 187 -7.44 2.50 -13.48
CA GLN B 187 -8.77 2.68 -14.29
C GLN B 187 -9.02 1.35 -14.90
N PHE B 188 -10.19 0.85 -15.18
CA PHE B 188 -10.45 -0.49 -15.75
C PHE B 188 -10.72 -0.30 -17.24
N ILE B 189 -10.54 -1.26 -18.08
CA ILE B 189 -10.97 -1.20 -19.50
C ILE B 189 -12.00 -2.36 -19.57
N ASN B 190 -13.25 -2.13 -19.54
CA ASN B 190 -14.27 -3.27 -19.54
C ASN B 190 -14.89 -3.19 -20.96
N LEU B 191 -14.59 -4.21 -21.76
CA LEU B 191 -14.94 -4.16 -23.19
C LEU B 191 -16.32 -3.62 -23.36
N ARG B 192 -17.21 -3.96 -22.46
CA ARG B 192 -18.59 -3.51 -22.57
C ARG B 192 -18.75 -2.03 -22.33
N THR B 193 -17.84 -1.27 -21.79
CA THR B 193 -17.97 0.10 -21.41
C THR B 193 -17.05 1.04 -22.14
N ASN B 194 -15.85 0.97 -21.92
CA ASN B 194 -14.57 1.42 -22.11
C ASN B 194 -13.76 0.90 -23.23
N ASN B 195 -12.82 1.57 -23.87
CA ASN B 195 -11.93 0.96 -24.89
C ASN B 195 -10.53 1.49 -24.63
N THR B 196 -10.40 2.54 -23.84
CA THR B 196 -9.09 3.06 -23.43
C THR B 196 -9.14 3.36 -21.95
N ALA B 197 -7.99 3.62 -21.38
CA ALA B 197 -7.69 4.01 -19.99
C ALA B 197 -6.65 5.13 -20.12
N THR B 198 -6.74 6.21 -19.41
CA THR B 198 -5.75 7.30 -19.46
C THR B 198 -5.45 7.72 -18.03
N ILE B 199 -4.19 7.77 -17.70
CA ILE B 199 -3.77 8.18 -16.36
C ILE B 199 -2.72 9.26 -16.51
N VAL B 200 -2.79 10.37 -15.84
CA VAL B 200 -1.74 11.44 -15.88
C VAL B 200 -0.94 11.24 -14.61
N ILE B 201 0.37 11.09 -14.73
CA ILE B 201 1.27 10.82 -13.59
C ILE B 201 2.18 12.03 -13.32
N PRO B 202 2.01 12.62 -12.15
CA PRO B 202 2.88 13.70 -11.68
C PRO B 202 4.19 13.06 -11.24
N TYR B 203 5.27 13.69 -11.13
CA TYR B 203 6.56 13.14 -10.70
C TYR B 203 6.53 12.81 -9.24
N ILE B 204 6.70 11.62 -8.75
CA ILE B 204 6.60 11.28 -7.30
C ILE B 204 7.90 10.74 -6.80
N ASN B 205 8.65 11.38 -6.00
CA ASN B 205 9.96 10.89 -5.50
C ASN B 205 10.24 11.54 -4.15
N SER B 206 11.24 11.06 -3.41
CA SER B 206 11.64 11.58 -2.11
C SER B 206 12.85 12.54 -2.30
N VAL B 207 13.27 12.70 -3.51
CA VAL B 207 14.29 13.68 -3.88
C VAL B 207 13.77 14.51 -5.04
N PRO B 208 14.29 15.74 -5.18
CA PRO B 208 13.73 16.64 -6.19
C PRO B 208 13.95 16.25 -7.62
N ILE B 209 14.95 15.51 -7.91
CA ILE B 209 15.38 15.04 -9.23
C ILE B 209 16.29 13.84 -8.92
N ASP B 210 16.36 12.92 -9.81
CA ASP B 210 17.07 11.67 -9.55
C ASP B 210 17.76 11.17 -10.77
N SER B 211 18.33 10.01 -10.73
CA SER B 211 18.96 9.42 -11.93
C SER B 211 17.90 8.71 -12.73
N MET B 212 17.89 8.79 -14.04
CA MET B 212 16.82 8.10 -14.79
C MET B 212 17.18 6.69 -15.06
N THR B 213 18.40 6.28 -14.86
CA THR B 213 18.78 4.91 -15.22
C THR B 213 18.87 4.10 -14.01
N ARG B 214 19.31 4.50 -12.86
CA ARG B 214 19.41 3.52 -11.74
C ARG B 214 18.12 3.42 -11.01
N HIS B 215 17.13 4.20 -11.31
CA HIS B 215 15.86 4.08 -10.50
C HIS B 215 14.62 4.33 -11.31
N ASN B 216 13.68 3.44 -11.36
CA ASN B 216 12.44 3.61 -12.11
C ASN B 216 11.45 4.12 -11.06
N ASN B 217 10.60 5.05 -11.40
CA ASN B 217 9.75 5.59 -10.32
C ASN B 217 8.35 5.14 -10.47
N VAL B 218 7.89 4.47 -11.48
CA VAL B 218 6.51 3.90 -11.48
C VAL B 218 6.58 2.63 -12.35
N SER B 219 5.72 1.72 -12.03
CA SER B 219 5.56 0.57 -13.01
C SER B 219 4.10 0.79 -13.48
N LEU B 220 3.85 0.67 -14.71
CA LEU B 220 2.49 0.70 -15.29
C LEU B 220 2.15 -0.78 -15.37
N MET B 221 1.03 -1.23 -15.02
CA MET B 221 0.70 -2.68 -15.07
C MET B 221 -0.63 -2.86 -15.76
N VAL B 222 -0.75 -3.69 -16.75
CA VAL B 222 -2.09 -3.95 -17.39
C VAL B 222 -2.36 -5.43 -17.06
N ILE B 223 -3.41 -5.76 -16.37
CA ILE B 223 -3.72 -7.16 -15.94
C ILE B 223 -5.07 -7.60 -16.32
N PRO B 224 -5.24 -8.64 -17.13
CA PRO B 224 -6.64 -9.12 -17.43
C PRO B 224 -7.22 -9.60 -16.11
N ILE B 225 -8.38 -9.28 -15.71
CA ILE B 225 -9.03 -9.75 -14.48
C ILE B 225 -10.27 -10.57 -14.86
N ALA B 226 -11.18 -10.05 -15.65
CA ALA B 226 -12.27 -10.91 -16.16
C ALA B 226 -11.64 -11.32 -17.54
N PRO B 227 -11.44 -12.60 -17.67
CA PRO B 227 -10.87 -13.22 -18.86
C PRO B 227 -11.53 -12.76 -20.13
N LEU B 228 -10.72 -12.77 -21.20
CA LEU B 228 -11.27 -12.34 -22.52
C LEU B 228 -12.22 -13.41 -22.99
N THR B 229 -13.37 -13.04 -23.44
CA THR B 229 -14.32 -14.06 -23.99
C THR B 229 -14.81 -13.62 -25.33
N VAL B 230 -14.35 -14.23 -26.44
CA VAL B 230 -14.81 -13.72 -27.75
C VAL B 230 -16.08 -14.39 -28.21
N PRO B 231 -16.79 -13.69 -29.08
CA PRO B 231 -18.02 -14.26 -29.68
C PRO B 231 -17.61 -15.54 -30.39
N THR B 232 -18.58 -16.36 -30.65
CA THR B 232 -18.46 -17.64 -31.25
C THR B 232 -17.79 -17.62 -32.61
N GLY B 233 -16.78 -18.54 -32.57
CA GLY B 233 -15.92 -18.61 -33.80
C GLY B 233 -15.26 -17.29 -34.13
N ALA B 234 -15.04 -16.48 -33.11
CA ALA B 234 -14.24 -15.24 -33.33
C ALA B 234 -12.81 -15.70 -33.10
N THR B 235 -11.86 -14.96 -33.62
CA THR B 235 -10.49 -15.25 -33.19
C THR B 235 -10.39 -15.01 -31.68
N PRO B 236 -9.78 -15.89 -31.07
CA PRO B 236 -9.68 -15.76 -29.59
C PRO B 236 -8.64 -14.81 -29.16
N SER B 237 -8.43 -13.66 -29.74
CA SER B 237 -7.46 -12.72 -29.03
C SER B 237 -7.68 -11.31 -29.48
N LEU B 238 -7.21 -10.34 -28.72
CA LEU B 238 -7.28 -8.87 -29.06
C LEU B 238 -5.91 -8.28 -28.81
N PRO B 239 -5.44 -7.34 -29.56
CA PRO B 239 -4.11 -6.67 -29.24
C PRO B 239 -4.38 -5.62 -28.18
N ILE B 240 -3.46 -5.32 -27.36
CA ILE B 240 -3.56 -4.19 -26.37
C ILE B 240 -2.43 -3.22 -26.78
N THR B 241 -2.61 -1.96 -26.98
CA THR B 241 -1.47 -1.06 -27.30
C THR B 241 -1.21 -0.08 -26.21
N VAL B 242 0.01 0.22 -25.84
CA VAL B 242 0.25 1.26 -24.77
C VAL B 242 0.91 2.46 -25.41
N THR B 243 0.39 3.67 -25.37
CA THR B 243 1.10 4.89 -25.89
C THR B 243 1.40 5.75 -24.71
N ILE B 244 2.54 6.23 -24.46
CA ILE B 244 2.96 7.06 -23.32
C ILE B 244 3.71 8.33 -23.71
N ALA B 245 3.38 9.47 -23.08
CA ALA B 245 4.07 10.74 -23.40
C ALA B 245 4.72 11.38 -22.22
N PRO B 246 6.00 11.57 -22.19
CA PRO B 246 6.64 12.35 -21.11
C PRO B 246 5.99 13.73 -21.12
N MET B 247 5.89 14.29 -19.91
CA MET B 247 5.28 15.67 -19.81
C MET B 247 6.00 16.36 -18.66
N CYS B 248 6.24 17.65 -18.92
CA CYS B 248 7.07 18.56 -18.16
C CYS B 248 8.48 17.96 -17.93
N THR B 249 9.13 17.38 -18.84
CA THR B 249 10.44 16.79 -18.63
C THR B 249 11.52 17.79 -18.46
N GLU B 250 12.45 17.54 -17.54
CA GLU B 250 13.63 18.42 -17.32
C GLU B 250 14.87 17.51 -17.14
N PHE B 251 15.93 17.91 -17.74
CA PHE B 251 17.18 17.13 -17.62
C PHE B 251 18.20 18.06 -17.02
N SER B 252 19.11 17.56 -16.28
CA SER B 252 20.18 18.38 -15.66
C SER B 252 21.43 17.58 -15.45
N GLY B 253 22.56 18.29 -15.49
CA GLY B 253 23.89 17.64 -15.30
C GLY B 253 24.30 16.86 -16.53
N ILE B 254 24.54 17.55 -17.63
CA ILE B 254 24.89 17.00 -18.91
C ILE B 254 26.40 16.70 -18.93
N ARG B 255 26.70 15.69 -19.70
CA ARG B 255 28.08 15.18 -19.78
C ARG B 255 28.24 14.10 -20.85
N SER B 256 28.94 13.08 -20.42
CA SER B 256 29.46 12.10 -21.30
C SER B 256 28.47 11.11 -21.70
N LYS B 257 27.43 10.72 -21.10
CA LYS B 257 26.59 9.62 -21.75
C LYS B 257 26.79 8.26 -21.05
N SER B 258 25.87 7.89 -20.20
CA SER B 258 25.89 6.75 -19.37
C SER B 258 26.02 5.48 -20.21
N ILE B 259 26.71 4.55 -19.58
CA ILE B 259 26.82 3.16 -20.20
C ILE B 259 26.13 2.20 -19.25
N VAL B 260 25.10 1.50 -19.66
CA VAL B 260 24.43 0.70 -18.51
C VAL B 260 24.52 -0.74 -18.88
N PRO B 261 24.52 -1.61 -17.88
CA PRO B 261 24.53 -3.01 -18.10
C PRO B 261 23.55 -3.42 -19.21
N GLN B 262 24.15 -4.39 -19.92
CA GLN B 262 23.63 -5.26 -20.95
C GLN B 262 23.21 -4.51 -22.17
N GLY C 1 16.96 22.99 47.26
CA GLY C 1 16.15 21.64 47.10
C GLY C 1 14.71 21.41 47.33
N LEU C 2 13.79 21.36 46.34
CA LEU C 2 12.35 21.24 46.49
C LEU C 2 11.83 19.89 46.88
N PRO C 3 11.08 19.68 47.96
CA PRO C 3 10.63 18.34 48.42
C PRO C 3 9.68 17.66 47.49
N THR C 4 9.86 16.43 47.09
CA THR C 4 9.04 15.63 46.21
C THR C 4 8.70 14.29 46.88
N THR C 5 7.74 13.59 46.31
CA THR C 5 7.30 12.26 46.67
C THR C 5 7.13 11.39 45.44
N THR C 6 7.66 10.20 45.27
CA THR C 6 7.38 9.57 43.90
C THR C 6 6.22 8.69 43.98
N LEU C 7 5.39 8.59 42.93
CA LEU C 7 4.15 7.75 43.01
C LEU C 7 4.40 6.34 42.41
N PRO C 8 3.41 5.50 42.68
CA PRO C 8 3.40 4.16 42.08
C PRO C 8 3.54 4.39 40.59
N GLY C 9 4.30 3.63 39.87
CA GLY C 9 4.42 3.69 38.40
C GLY C 9 5.75 4.34 38.03
N SER C 10 6.39 4.96 39.03
CA SER C 10 7.70 5.56 38.71
C SER C 10 8.60 4.49 38.09
N GLY C 11 9.43 4.91 37.19
CA GLY C 11 10.30 4.06 36.46
C GLY C 11 9.62 3.15 35.50
N GLN C 12 8.37 3.07 35.33
CA GLN C 12 7.81 2.08 34.35
C GLN C 12 8.01 2.56 32.95
N PHE C 13 8.00 1.71 31.98
CA PHE C 13 8.04 2.06 30.51
C PHE C 13 6.72 1.61 29.88
N LEU C 14 5.87 2.51 29.49
CA LEU C 14 4.54 2.16 28.90
C LEU C 14 4.66 2.42 27.43
N THR C 15 4.58 1.47 26.52
CA THR C 15 4.92 1.76 25.10
C THR C 15 4.06 2.83 24.52
N THR C 16 2.98 3.25 25.13
CA THR C 16 1.98 4.19 24.65
C THR C 16 1.94 5.55 25.21
N ASP C 17 2.86 5.91 26.11
CA ASP C 17 2.94 7.16 26.80
C ASP C 17 3.59 8.14 25.82
N ASP C 18 3.49 9.44 25.99
CA ASP C 18 4.08 10.40 25.03
C ASP C 18 4.76 11.54 25.75
N ARG C 19 6.05 11.48 25.91
CA ARG C 19 6.78 12.50 26.66
C ARG C 19 8.00 13.02 25.90
N GLN C 20 8.69 14.00 26.53
CA GLN C 20 9.89 14.60 25.90
C GLN C 20 11.14 13.78 26.25
N SER C 21 12.15 13.81 25.48
CA SER C 21 13.40 13.14 25.63
C SER C 21 14.51 14.03 25.15
N PRO C 22 15.66 13.83 25.71
CA PRO C 22 16.85 14.58 25.16
C PRO C 22 17.15 14.13 23.73
N SER C 23 17.55 15.04 22.85
CA SER C 23 17.99 14.64 21.50
C SER C 23 19.45 14.17 21.56
N ALA C 24 19.77 13.01 21.02
CA ALA C 24 21.14 12.51 20.95
C ALA C 24 22.01 13.35 20.00
N LEU C 25 21.51 13.91 18.99
CA LEU C 25 22.09 14.74 17.99
C LEU C 25 21.67 16.23 18.17
N PRO C 26 22.26 16.85 19.16
CA PRO C 26 21.99 18.27 19.43
C PRO C 26 22.48 19.03 18.20
N ASN C 27 21.61 19.90 17.79
CA ASN C 27 21.78 20.87 16.76
C ASN C 27 21.83 20.54 15.30
N TYR C 28 21.52 19.36 15.01
CA TYR C 28 21.51 18.74 13.69
C TYR C 28 20.37 19.30 12.87
N GLU C 29 20.54 19.53 11.66
CA GLU C 29 19.55 20.07 10.76
C GLU C 29 19.03 19.16 9.75
N PRO C 30 17.77 18.73 9.89
CA PRO C 30 17.20 17.70 8.95
C PRO C 30 17.08 18.17 7.53
N THR C 31 17.05 17.28 6.54
CA THR C 31 16.88 17.67 5.14
C THR C 31 15.56 18.36 4.96
N PRO C 32 15.53 19.39 4.15
CA PRO C 32 14.31 20.18 3.88
C PRO C 32 13.21 19.29 3.38
N ARG C 33 11.97 19.57 3.60
CA ARG C 33 10.91 18.66 2.98
C ARG C 33 10.68 19.13 1.55
N ILE C 34 10.45 18.33 0.56
CA ILE C 34 10.07 18.87 -0.78
C ILE C 34 8.61 18.45 -0.91
N HIS C 35 7.92 18.73 -1.94
CA HIS C 35 6.47 18.36 -2.01
C HIS C 35 6.31 16.98 -2.55
N ILE C 36 5.46 16.15 -2.09
CA ILE C 36 5.36 14.76 -2.73
C ILE C 36 3.86 14.60 -2.86
N PRO C 37 3.25 14.28 -3.95
CA PRO C 37 1.78 14.08 -4.02
C PRO C 37 1.42 12.92 -3.10
N GLY C 38 0.20 12.71 -2.69
CA GLY C 38 -0.24 11.60 -1.95
C GLY C 38 -0.20 11.54 -0.52
N LYS C 39 -0.13 12.58 0.28
CA LYS C 39 0.01 12.50 1.76
C LYS C 39 -1.24 11.92 2.36
N VAL C 40 -1.03 11.02 3.33
CA VAL C 40 -2.16 10.37 4.07
C VAL C 40 -2.23 10.96 5.45
N HIS C 41 -3.36 11.33 6.00
CA HIS C 41 -3.36 11.80 7.36
C HIS C 41 -4.08 10.81 8.27
N ASN C 42 -5.15 10.23 7.87
CA ASN C 42 -5.94 9.35 8.72
C ASN C 42 -6.13 8.01 8.05
N LEU C 43 -6.16 6.93 8.77
CA LEU C 43 -6.44 5.64 8.07
C LEU C 43 -7.89 5.73 7.55
N LEU C 44 -8.66 6.65 8.11
CA LEU C 44 -10.09 6.80 7.68
C LEU C 44 -10.07 7.35 6.28
N GLU C 45 -8.99 8.00 5.86
CA GLU C 45 -9.02 8.53 4.50
C GLU C 45 -8.96 7.40 3.48
N ILE C 46 -8.09 6.44 3.75
CA ILE C 46 -7.89 5.36 2.80
C ILE C 46 -8.93 4.28 2.81
N ILE C 47 -9.56 3.91 3.92
CA ILE C 47 -10.58 2.83 3.86
C ILE C 47 -11.81 3.26 3.08
N GLN C 48 -11.89 4.47 2.53
CA GLN C 48 -13.01 4.87 1.68
C GLN C 48 -12.71 4.59 0.23
N VAL C 49 -11.51 4.23 -0.14
CA VAL C 49 -11.21 3.78 -1.53
C VAL C 49 -11.66 2.35 -1.65
N ASP C 50 -12.40 1.99 -2.70
CA ASP C 50 -12.89 0.57 -2.73
C ASP C 50 -11.81 -0.31 -3.36
N THR C 51 -11.81 -1.54 -2.92
CA THR C 51 -10.94 -2.62 -3.40
C THR C 51 -11.81 -3.86 -3.58
N LEU C 52 -11.34 -4.75 -4.40
CA LEU C 52 -11.99 -5.98 -4.82
C LEU C 52 -12.07 -6.98 -3.66
N ILE C 53 -13.12 -7.73 -3.55
CA ILE C 53 -13.34 -8.79 -2.59
C ILE C 53 -13.20 -10.16 -3.23
N PRO C 54 -12.35 -11.02 -2.73
CA PRO C 54 -12.25 -12.39 -3.33
C PRO C 54 -13.49 -13.13 -2.89
N MET C 55 -14.65 -12.84 -3.43
CA MET C 55 -15.90 -13.43 -3.03
C MET C 55 -16.04 -14.90 -3.33
N ASN C 56 -15.51 -15.32 -4.44
CA ASN C 56 -15.45 -16.64 -4.98
C ASN C 56 -14.34 -17.51 -4.39
N ASN C 57 -14.04 -17.35 -3.14
CA ASN C 57 -13.33 -18.13 -2.26
C ASN C 57 -13.25 -19.65 -2.32
N THR C 58 -13.95 -20.31 -3.11
CA THR C 58 -14.11 -21.70 -3.29
C THR C 58 -12.94 -22.36 -3.89
N HIS C 59 -11.95 -21.63 -4.34
CA HIS C 59 -10.77 -22.37 -4.86
C HIS C 59 -9.95 -22.94 -3.71
N THR C 60 -8.91 -23.61 -4.18
CA THR C 60 -7.99 -24.30 -3.31
C THR C 60 -6.62 -23.75 -3.18
N LYS C 61 -6.23 -22.83 -4.02
CA LYS C 61 -4.92 -22.09 -3.88
C LYS C 61 -5.29 -20.67 -4.29
N ASP C 62 -4.67 -19.60 -3.89
CA ASP C 62 -5.14 -18.25 -4.23
C ASP C 62 -5.08 -18.07 -5.77
N GLU C 63 -6.13 -17.62 -6.36
CA GLU C 63 -6.16 -17.40 -7.82
C GLU C 63 -7.00 -16.21 -8.20
N VAL C 64 -6.72 -15.62 -9.39
CA VAL C 64 -7.37 -14.41 -9.87
C VAL C 64 -8.86 -14.67 -10.00
N ASN C 65 -9.27 -15.83 -9.77
CA ASN C 65 -10.57 -16.33 -10.15
C ASN C 65 -11.52 -16.30 -9.04
N SER C 66 -10.89 -15.95 -7.93
CA SER C 66 -11.76 -15.96 -6.67
C SER C 66 -12.25 -14.55 -6.49
N TYR C 67 -11.84 -13.69 -7.45
CA TYR C 67 -12.34 -12.32 -7.48
C TYR C 67 -13.56 -12.32 -8.41
N LEU C 68 -13.74 -13.36 -9.20
CA LEU C 68 -14.83 -13.39 -10.19
C LEU C 68 -16.04 -14.14 -9.68
N ILE C 69 -17.19 -13.48 -9.56
CA ILE C 69 -18.48 -14.11 -9.22
C ILE C 69 -19.13 -14.50 -10.52
N PRO C 70 -19.38 -15.77 -10.79
CA PRO C 70 -19.92 -16.16 -12.12
C PRO C 70 -21.41 -15.99 -12.13
N LEU C 71 -21.94 -15.81 -13.31
CA LEU C 71 -23.37 -15.64 -13.58
C LEU C 71 -23.72 -16.64 -14.70
N ASN C 72 -24.85 -17.31 -14.62
CA ASN C 72 -25.31 -18.25 -15.62
C ASN C 72 -26.43 -17.75 -16.45
N ALA C 73 -26.44 -17.81 -17.79
CA ALA C 73 -27.61 -17.31 -18.58
C ALA C 73 -28.85 -18.14 -18.33
N ASN C 74 -29.99 -17.57 -18.61
CA ASN C 74 -31.23 -18.20 -18.35
C ASN C 74 -31.50 -18.83 -17.05
N ARG C 75 -30.94 -18.58 -15.92
CA ARG C 75 -31.51 -19.18 -14.65
C ARG C 75 -32.51 -18.12 -14.10
N GLN C 76 -33.49 -18.50 -13.45
CA GLN C 76 -34.60 -17.66 -12.92
C GLN C 76 -34.57 -17.77 -11.42
N ASN C 77 -35.27 -17.05 -10.62
CA ASN C 77 -35.38 -17.18 -9.19
C ASN C 77 -34.18 -17.53 -8.41
N GLU C 78 -33.07 -17.98 -8.81
CA GLU C 78 -31.93 -18.55 -8.05
C GLU C 78 -30.96 -17.69 -7.39
N GLN C 79 -30.00 -18.19 -6.60
CA GLN C 79 -29.10 -17.34 -5.82
C GLN C 79 -27.71 -17.21 -6.34
N VAL C 80 -27.18 -15.98 -6.54
CA VAL C 80 -25.85 -15.73 -7.09
C VAL C 80 -24.73 -15.89 -6.09
N PHE C 81 -24.84 -15.49 -4.88
CA PHE C 81 -23.71 -15.62 -3.89
C PHE C 81 -24.28 -15.35 -2.50
N GLY C 82 -23.54 -15.56 -1.45
CA GLY C 82 -24.06 -15.29 -0.08
C GLY C 82 -22.77 -15.13 0.76
N THR C 83 -22.81 -14.44 1.82
CA THR C 83 -21.73 -14.25 2.74
C THR C 83 -22.24 -13.62 4.04
N ASN C 84 -21.60 -13.90 5.16
CA ASN C 84 -22.06 -13.12 6.37
C ASN C 84 -21.26 -11.79 6.34
N LEU C 85 -21.52 -10.93 7.29
CA LEU C 85 -20.75 -9.65 7.24
C LEU C 85 -19.81 -9.60 8.42
N PHE C 86 -18.90 -10.52 8.49
CA PHE C 86 -17.84 -10.38 9.57
C PHE C 86 -16.70 -9.74 8.77
N ILE C 87 -16.67 -8.40 8.76
CA ILE C 87 -15.66 -7.70 7.99
C ILE C 87 -14.25 -8.03 8.42
N GLY C 88 -14.06 -8.62 9.58
CA GLY C 88 -12.66 -8.94 9.95
C GLY C 88 -12.26 -10.36 9.62
N ASP C 89 -13.02 -11.08 8.86
CA ASP C 89 -12.76 -12.46 8.60
C ASP C 89 -13.25 -12.92 7.29
N GLY C 90 -12.96 -14.17 6.88
CA GLY C 90 -13.65 -14.62 5.64
C GLY C 90 -13.43 -13.87 4.40
N VAL C 91 -14.36 -13.62 3.50
CA VAL C 91 -14.03 -12.89 2.23
C VAL C 91 -13.38 -11.54 2.47
N PHE C 92 -13.89 -10.74 3.38
CA PHE C 92 -13.47 -9.40 3.69
C PHE C 92 -12.07 -9.26 4.17
N LYS C 93 -11.60 -10.29 4.77
CA LYS C 93 -10.34 -10.24 5.54
C LYS C 93 -9.11 -9.79 4.85
N THR C 94 -8.90 -9.95 3.57
CA THR C 94 -7.68 -9.61 2.83
C THR C 94 -7.85 -8.30 2.08
N THR C 95 -9.07 -7.83 2.04
CA THR C 95 -9.35 -6.55 1.38
C THR C 95 -8.69 -5.45 2.21
N LEU C 96 -8.47 -4.29 1.64
CA LEU C 96 -7.86 -3.17 2.39
C LEU C 96 -8.69 -2.80 3.60
N LEU C 97 -10.01 -2.83 3.45
CA LEU C 97 -10.92 -2.52 4.53
C LEU C 97 -10.71 -3.57 5.63
N GLY C 98 -10.81 -4.80 5.22
CA GLY C 98 -10.67 -5.90 6.18
C GLY C 98 -9.34 -5.82 6.91
N GLU C 99 -8.35 -5.46 6.16
CA GLU C 99 -6.94 -5.43 6.57
C GLU C 99 -6.69 -4.35 7.55
N ILE C 100 -7.38 -3.22 7.48
CA ILE C 100 -7.23 -2.09 8.40
C ILE C 100 -8.09 -2.25 9.64
N VAL C 101 -9.29 -2.72 9.46
CA VAL C 101 -10.24 -3.01 10.54
C VAL C 101 -9.57 -3.89 11.59
N GLN C 102 -8.71 -4.73 11.11
CA GLN C 102 -7.97 -5.68 11.95
C GLN C 102 -6.96 -4.97 12.80
N TYR C 103 -6.59 -3.73 12.52
CA TYR C 103 -5.69 -3.01 13.46
C TYR C 103 -6.54 -2.43 14.56
N TYR C 104 -7.85 -2.53 14.51
CA TYR C 104 -8.64 -1.91 15.63
C TYR C 104 -9.55 -2.91 16.24
N THR C 105 -9.99 -2.68 17.48
CA THR C 105 -10.88 -3.60 18.14
C THR C 105 -12.35 -3.46 17.86
N HIS C 106 -12.85 -2.28 17.67
CA HIS C 106 -14.29 -1.96 17.48
C HIS C 106 -14.53 -1.22 16.19
N TRP C 107 -15.63 -1.39 15.53
CA TRP C 107 -15.91 -0.61 14.29
C TRP C 107 -17.39 -0.22 14.40
N SER C 108 -17.80 0.81 13.73
CA SER C 108 -19.23 1.17 13.66
C SER C 108 -19.38 1.92 12.35
N GLY C 109 -20.53 1.98 11.70
CA GLY C 109 -20.61 2.70 10.45
C GLY C 109 -21.26 2.01 9.30
N SER C 110 -21.39 2.82 8.16
CA SER C 110 -22.03 2.05 7.01
C SER C 110 -21.03 1.53 6.05
N LEU C 111 -21.27 0.45 5.35
CA LEU C 111 -20.32 -0.15 4.38
C LEU C 111 -20.86 0.10 2.98
N ARG C 112 -19.92 0.21 2.03
CA ARG C 112 -20.53 0.37 0.66
C ARG C 112 -20.09 -0.83 -0.12
N PHE C 113 -21.01 -1.65 -0.59
CA PHE C 113 -20.73 -2.87 -1.40
C PHE C 113 -21.15 -2.66 -2.83
N SER C 114 -20.37 -2.62 -3.82
CA SER C 114 -20.78 -2.40 -5.22
C SER C 114 -20.39 -3.58 -6.08
N LEU C 115 -21.03 -3.77 -7.18
CA LEU C 115 -20.82 -4.90 -8.12
C LEU C 115 -20.60 -4.29 -9.49
N MET C 116 -19.54 -4.60 -10.19
CA MET C 116 -19.43 -3.99 -11.59
C MET C 116 -19.68 -5.14 -12.56
N TYR C 117 -20.55 -5.01 -13.53
CA TYR C 117 -20.85 -6.11 -14.47
C TYR C 117 -19.89 -6.10 -15.66
N THR C 118 -19.41 -7.28 -16.09
CA THR C 118 -18.45 -7.38 -17.17
C THR C 118 -18.92 -8.14 -18.40
N GLY C 119 -20.17 -8.59 -18.44
CA GLY C 119 -20.72 -9.33 -19.61
C GLY C 119 -20.78 -8.53 -20.89
N PRO C 120 -20.92 -9.23 -22.03
CA PRO C 120 -21.02 -8.48 -23.33
C PRO C 120 -22.04 -7.35 -23.17
N ALA C 121 -21.73 -6.27 -23.89
CA ALA C 121 -22.64 -5.15 -23.97
C ALA C 121 -24.04 -5.50 -24.47
N LEU C 122 -24.26 -6.43 -25.36
CA LEU C 122 -25.58 -6.79 -25.91
C LEU C 122 -26.35 -7.79 -25.04
N SER C 123 -25.89 -8.03 -23.80
CA SER C 123 -26.64 -8.91 -22.90
C SER C 123 -27.45 -8.07 -21.91
N SER C 124 -28.21 -8.68 -21.05
CA SER C 124 -28.99 -7.82 -20.09
C SER C 124 -29.26 -8.62 -18.86
N ALA C 125 -29.58 -8.06 -17.75
CA ALA C 125 -29.82 -8.90 -16.54
C ALA C 125 -30.44 -8.01 -15.49
N LYS C 126 -31.17 -8.56 -14.55
CA LYS C 126 -31.70 -7.83 -13.40
C LYS C 126 -31.42 -8.75 -12.17
N LEU C 127 -30.65 -8.22 -11.24
CA LEU C 127 -30.29 -8.85 -10.02
C LEU C 127 -30.85 -8.10 -8.83
N ILE C 128 -31.05 -8.78 -7.74
CA ILE C 128 -31.48 -8.14 -6.46
C ILE C 128 -30.38 -8.35 -5.40
N LEU C 129 -29.89 -7.34 -4.73
CA LEU C 129 -28.90 -7.56 -3.68
C LEU C 129 -29.68 -7.33 -2.35
N ALA C 130 -29.47 -8.12 -1.36
CA ALA C 130 -30.26 -7.96 -0.14
C ALA C 130 -29.31 -7.97 1.04
N TYR C 131 -29.48 -7.08 1.99
CA TYR C 131 -28.78 -7.01 3.26
C TYR C 131 -29.76 -7.55 4.32
N THR C 132 -29.41 -8.49 5.13
CA THR C 132 -30.38 -9.04 6.15
C THR C 132 -29.85 -8.61 7.51
N PRO C 133 -30.52 -7.78 8.24
CA PRO C 133 -29.98 -7.25 9.53
C PRO C 133 -30.00 -8.37 10.56
N PRO C 134 -29.17 -8.23 11.54
CA PRO C 134 -28.89 -9.27 12.55
C PRO C 134 -30.15 -9.77 13.14
N GLY C 135 -30.26 -11.07 13.44
CA GLY C 135 -31.53 -11.50 14.07
C GLY C 135 -32.25 -12.52 13.29
N ALA C 136 -32.06 -12.56 12.01
CA ALA C 136 -32.70 -13.61 11.12
C ALA C 136 -31.60 -14.45 10.54
N ARG C 137 -31.83 -15.56 9.90
CA ARG C 137 -30.83 -16.39 9.26
C ARG C 137 -30.46 -15.85 7.88
N GLY C 138 -29.38 -16.38 7.34
CA GLY C 138 -29.07 -15.95 5.88
C GLY C 138 -30.34 -16.40 5.14
N PRO C 139 -30.84 -15.52 4.29
CA PRO C 139 -32.08 -15.84 3.53
C PRO C 139 -31.78 -17.09 2.69
N GLN C 140 -32.79 -17.86 2.55
CA GLN C 140 -32.83 -19.07 1.78
C GLN C 140 -33.47 -19.02 0.45
N ASP C 141 -34.14 -18.04 0.05
CA ASP C 141 -34.77 -17.85 -1.27
C ASP C 141 -35.05 -16.34 -1.34
N ARG C 142 -35.22 -15.84 -2.51
CA ARG C 142 -35.39 -14.39 -2.77
C ARG C 142 -36.57 -13.88 -2.00
N ARG C 143 -37.54 -14.76 -1.74
CA ARG C 143 -38.76 -14.16 -1.13
C ARG C 143 -38.29 -13.71 0.26
N GLU C 144 -37.54 -14.63 0.79
CA GLU C 144 -37.07 -14.34 2.15
C GLU C 144 -36.15 -13.15 2.07
N ALA C 145 -35.33 -13.11 1.02
CA ALA C 145 -34.28 -12.06 0.93
C ALA C 145 -34.87 -10.69 0.71
N MET C 146 -35.85 -10.62 -0.13
CA MET C 146 -36.44 -9.34 -0.58
C MET C 146 -37.14 -8.65 0.55
N LEU C 147 -37.41 -9.21 1.71
CA LEU C 147 -38.11 -8.51 2.80
C LEU C 147 -37.18 -7.64 3.67
N GLY C 148 -35.93 -7.52 3.39
CA GLY C 148 -34.92 -6.78 4.13
C GLY C 148 -34.33 -5.79 3.11
N THR C 149 -33.27 -5.13 3.49
CA THR C 149 -32.64 -4.07 2.69
C THR C 149 -32.26 -4.63 1.35
N HIS C 150 -32.72 -4.04 0.30
CA HIS C 150 -32.39 -4.68 -1.03
C HIS C 150 -32.38 -3.63 -2.11
N VAL C 151 -31.81 -3.82 -3.26
CA VAL C 151 -31.76 -2.93 -4.41
C VAL C 151 -32.02 -3.76 -5.68
N VAL C 152 -33.01 -3.51 -6.48
CA VAL C 152 -33.08 -4.27 -7.79
C VAL C 152 -32.08 -3.59 -8.69
N TRP C 153 -31.11 -4.25 -9.17
CA TRP C 153 -30.06 -3.65 -10.05
C TRP C 153 -30.38 -3.86 -11.49
N ASP C 154 -30.46 -2.91 -12.35
CA ASP C 154 -30.82 -3.25 -13.79
C ASP C 154 -29.52 -3.06 -14.52
N ILE C 155 -28.99 -4.06 -15.14
CA ILE C 155 -27.64 -3.98 -15.84
C ILE C 155 -27.78 -3.16 -17.05
N GLY C 156 -27.01 -2.06 -17.12
CA GLY C 156 -27.16 -1.18 -18.27
C GLY C 156 -25.82 -0.58 -18.64
N LEU C 157 -25.98 0.60 -19.23
CA LEU C 157 -24.87 1.41 -19.69
C LEU C 157 -23.97 1.71 -18.53
N GLN C 158 -24.54 2.17 -17.49
CA GLN C 158 -23.94 2.35 -16.14
C GLN C 158 -23.67 0.95 -15.60
N SER C 159 -22.35 0.70 -15.53
CA SER C 159 -21.83 -0.63 -15.28
C SER C 159 -21.85 -1.10 -13.86
N THR C 160 -21.71 -0.24 -12.86
CA THR C 160 -21.68 -0.59 -11.45
C THR C 160 -22.87 -0.16 -10.67
N ILE C 161 -23.22 -0.82 -9.62
CA ILE C 161 -24.27 -0.58 -8.72
C ILE C 161 -23.61 -0.53 -7.30
N VAL C 162 -23.94 0.44 -6.54
CA VAL C 162 -23.43 0.65 -5.22
C VAL C 162 -24.49 0.40 -4.19
N MET C 163 -24.43 -0.67 -3.47
CA MET C 163 -25.35 -0.98 -2.41
C MET C 163 -24.72 -0.49 -1.10
N THR C 164 -25.46 0.06 -0.24
CA THR C 164 -24.89 0.52 1.10
C THR C 164 -25.38 -0.39 2.15
N ILE C 165 -24.63 -0.90 3.05
CA ILE C 165 -25.23 -1.72 4.20
C ILE C 165 -25.42 -0.71 5.29
N PRO C 166 -26.56 -0.09 5.40
CA PRO C 166 -26.71 0.98 6.45
C PRO C 166 -26.48 0.43 7.81
N TRP C 167 -25.87 1.17 8.72
CA TRP C 167 -25.62 0.71 10.09
C TRP C 167 -26.97 0.41 10.82
N THR C 168 -27.27 -0.88 10.96
CA THR C 168 -28.41 -1.35 11.72
C THR C 168 -27.94 -1.99 13.00
N SER C 169 -28.12 -1.34 14.14
CA SER C 169 -27.57 -1.90 15.37
C SER C 169 -28.16 -1.37 16.62
N GLY C 170 -28.21 -2.22 17.63
CA GLY C 170 -28.68 -1.80 18.97
C GLY C 170 -27.43 -1.06 19.57
N VAL C 171 -26.45 -1.84 19.95
CA VAL C 171 -25.15 -1.48 20.47
C VAL C 171 -24.48 -0.62 19.41
N GLN C 172 -23.83 0.44 19.83
CA GLN C 172 -23.20 1.38 18.86
C GLN C 172 -21.88 0.98 18.37
N PHE C 173 -21.28 -0.07 18.82
CA PHE C 173 -20.00 -0.58 18.24
C PHE C 173 -20.09 -2.09 18.19
N ARG C 174 -19.44 -2.65 17.26
CA ARG C 174 -19.32 -4.12 17.09
C ARG C 174 -17.85 -4.44 17.18
N TYR C 175 -17.58 -5.67 17.47
CA TYR C 175 -16.16 -6.16 17.45
C TYR C 175 -15.68 -6.46 16.04
N THR C 176 -14.42 -6.14 15.68
CA THR C 176 -13.95 -6.51 14.32
C THR C 176 -13.70 -8.00 14.24
N ASP C 177 -13.22 -8.57 15.28
CA ASP C 177 -13.03 -10.08 15.33
C ASP C 177 -14.40 -10.64 15.52
N PRO C 178 -14.77 -11.67 14.84
CA PRO C 178 -16.21 -12.08 14.78
C PRO C 178 -16.68 -12.47 16.14
N ASP C 179 -17.83 -11.89 16.46
CA ASP C 179 -18.50 -12.10 17.74
C ASP C 179 -20.01 -12.12 17.50
N THR C 180 -20.69 -12.95 18.28
CA THR C 180 -22.12 -13.19 18.09
C THR C 180 -23.04 -12.04 18.41
N TYR C 181 -22.92 -11.60 19.64
CA TYR C 181 -23.84 -10.60 20.19
C TYR C 181 -23.83 -9.39 19.24
N THR C 182 -22.60 -9.09 18.88
CA THR C 182 -22.13 -8.07 18.00
C THR C 182 -22.20 -8.41 16.55
N SER C 183 -23.00 -9.34 16.09
CA SER C 183 -22.87 -9.74 14.65
C SER C 183 -23.61 -8.87 13.72
N ALA C 184 -23.27 -8.66 12.45
CA ALA C 184 -23.94 -7.73 11.60
C ALA C 184 -24.90 -8.14 10.57
N GLY C 185 -25.22 -9.37 10.34
CA GLY C 185 -26.14 -9.75 9.23
C GLY C 185 -25.54 -10.58 8.11
N PHE C 186 -26.23 -10.65 7.01
CA PHE C 186 -25.86 -11.36 5.86
C PHE C 186 -26.10 -10.50 4.61
N LEU C 187 -25.39 -10.90 3.58
CA LEU C 187 -25.56 -10.16 2.28
C LEU C 187 -25.85 -11.20 1.24
N SER C 188 -26.88 -11.23 0.48
CA SER C 188 -27.10 -12.27 -0.56
C SER C 188 -27.43 -11.60 -1.87
N CYS C 189 -27.45 -12.32 -2.98
CA CYS C 189 -27.78 -11.69 -4.33
C CYS C 189 -28.48 -12.78 -5.15
N TRP C 190 -29.56 -12.51 -5.86
CA TRP C 190 -30.37 -13.49 -6.59
C TRP C 190 -30.72 -12.98 -7.93
N TYR C 191 -31.08 -13.79 -8.88
CA TYR C 191 -31.59 -13.28 -10.19
C TYR C 191 -32.94 -12.64 -9.96
N GLN C 192 -33.20 -11.48 -10.49
CA GLN C 192 -34.50 -10.78 -10.30
C GLN C 192 -35.37 -11.20 -11.48
N THR C 193 -34.72 -11.20 -12.62
CA THR C 193 -35.36 -11.80 -13.81
C THR C 193 -34.29 -12.83 -14.25
N SER C 194 -33.29 -12.45 -14.98
CA SER C 194 -32.27 -13.52 -15.31
C SER C 194 -31.28 -12.98 -16.26
N LEU C 195 -30.07 -13.51 -16.42
CA LEU C 195 -29.09 -12.95 -17.39
C LEU C 195 -29.46 -13.44 -18.78
N ILE C 196 -29.36 -12.67 -19.80
CA ILE C 196 -29.74 -13.13 -21.20
C ILE C 196 -28.63 -12.86 -22.13
N LEU C 197 -27.99 -13.77 -22.81
CA LEU C 197 -26.79 -13.37 -23.65
C LEU C 197 -27.26 -13.13 -25.07
N PRO C 198 -26.60 -12.29 -25.82
CA PRO C 198 -26.99 -12.12 -27.24
C PRO C 198 -26.59 -13.35 -28.00
N PRO C 199 -27.10 -13.51 -29.21
CA PRO C 199 -26.69 -14.55 -30.13
C PRO C 199 -25.17 -14.56 -30.31
N GLU C 200 -24.66 -15.71 -30.72
CA GLU C 200 -23.24 -15.84 -31.07
C GLU C 200 -22.39 -15.70 -29.84
N THR C 201 -23.00 -15.77 -28.70
CA THR C 201 -22.27 -15.59 -27.44
C THR C 201 -22.49 -16.72 -26.51
N THR C 202 -21.51 -17.01 -25.68
CA THR C 202 -21.79 -18.17 -24.75
C THR C 202 -21.01 -18.29 -23.50
N GLY C 203 -21.59 -19.11 -22.60
CA GLY C 203 -20.85 -19.29 -21.33
C GLY C 203 -21.19 -18.42 -20.19
N GLN C 204 -20.24 -18.33 -19.24
CA GLN C 204 -20.45 -17.57 -18.00
C GLN C 204 -20.00 -16.12 -18.16
N VAL C 205 -20.68 -15.26 -17.45
CA VAL C 205 -20.18 -13.82 -17.43
C VAL C 205 -19.80 -13.60 -15.98
N TYR C 206 -18.94 -12.63 -15.64
CA TYR C 206 -18.66 -12.44 -14.22
C TYR C 206 -18.92 -11.06 -13.73
N LEU C 207 -19.21 -10.93 -12.46
CA LEU C 207 -19.33 -9.65 -11.77
C LEU C 207 -18.01 -9.48 -10.94
N LEU C 208 -17.47 -8.32 -10.86
CA LEU C 208 -16.40 -8.00 -9.92
C LEU C 208 -17.08 -7.36 -8.70
N SER C 209 -16.61 -7.57 -7.51
CA SER C 209 -17.34 -6.88 -6.36
C SER C 209 -16.36 -6.10 -5.54
N PHE C 210 -16.69 -4.88 -5.09
CA PHE C 210 -15.74 -4.11 -4.26
C PHE C 210 -16.29 -3.86 -2.86
N ILE C 211 -15.47 -3.48 -1.89
CA ILE C 211 -15.93 -3.01 -0.58
C ILE C 211 -15.06 -1.80 -0.14
N SER C 212 -15.68 -0.82 0.41
CA SER C 212 -15.13 0.38 1.03
C SER C 212 -16.07 0.87 2.13
N ALA C 213 -15.63 1.71 3.01
CA ALA C 213 -16.42 2.21 4.14
C ALA C 213 -17.08 3.52 3.84
N CYS C 214 -18.26 3.78 4.30
CA CYS C 214 -18.92 5.12 4.14
C CYS C 214 -18.23 6.10 5.06
N PRO C 215 -18.53 7.39 4.90
CA PRO C 215 -17.89 8.45 5.65
C PRO C 215 -18.35 8.46 7.08
N ASP C 216 -19.26 7.74 7.52
CA ASP C 216 -20.03 7.31 8.61
C ASP C 216 -19.23 6.57 9.64
N PHE C 217 -18.26 5.81 9.12
CA PHE C 217 -17.43 4.82 9.75
C PHE C 217 -16.59 5.25 10.92
N LYS C 218 -16.45 4.50 11.93
CA LYS C 218 -15.57 4.74 13.09
C LYS C 218 -14.86 3.45 13.42
N LEU C 219 -13.65 3.50 13.80
CA LEU C 219 -12.77 2.37 14.18
C LEU C 219 -12.10 2.86 15.50
N ARG C 220 -11.93 2.09 16.48
CA ARG C 220 -11.28 2.50 17.71
C ARG C 220 -10.65 1.36 18.44
N LEU C 221 -9.76 1.69 19.39
CA LEU C 221 -8.99 0.84 20.25
C LEU C 221 -8.03 -0.06 19.44
N MET C 222 -6.93 0.56 19.12
CA MET C 222 -5.89 -0.12 18.29
C MET C 222 -5.32 -1.33 19.01
N LYS C 223 -4.99 -2.29 18.22
CA LYS C 223 -4.38 -3.54 18.64
C LYS C 223 -3.60 -4.16 17.46
N ASP C 224 -3.03 -5.29 17.75
CA ASP C 224 -2.16 -6.03 16.83
C ASP C 224 -2.94 -6.92 15.89
N THR C 225 -2.46 -7.10 14.68
CA THR C 225 -3.25 -7.82 13.65
C THR C 225 -2.86 -9.28 13.69
N GLN C 226 -3.85 -10.13 13.50
CA GLN C 226 -3.61 -11.56 13.38
C GLN C 226 -3.04 -11.79 11.98
N THR C 227 -3.02 -10.80 11.14
CA THR C 227 -2.54 -11.04 9.79
C THR C 227 -1.11 -11.08 9.56
N ILE C 228 -0.23 -11.10 10.50
CA ILE C 228 1.23 -11.16 10.29
C ILE C 228 1.99 -11.59 11.50
N SER C 229 2.93 -12.50 11.27
CA SER C 229 3.68 -13.05 12.47
C SER C 229 5.05 -13.51 12.00
N GLN C 230 5.82 -14.08 12.90
CA GLN C 230 7.20 -14.43 12.45
C GLN C 230 7.77 -15.36 13.47
N THR C 231 8.81 -16.12 13.06
CA THR C 231 9.43 -17.01 14.04
C THR C 231 10.86 -16.59 14.30
N VAL C 232 11.58 -16.03 13.41
CA VAL C 232 12.96 -15.54 13.90
C VAL C 232 13.16 -14.18 13.34
N ALA C 233 14.05 -13.39 13.95
CA ALA C 233 14.16 -12.00 13.36
C ALA C 233 14.70 -12.12 11.94
N LEU C 234 14.26 -11.29 11.05
CA LEU C 234 14.85 -11.31 9.68
C LEU C 234 16.23 -10.66 9.75
N THR C 235 17.01 -10.91 8.73
CA THR C 235 18.35 -10.25 8.56
C THR C 235 18.51 -9.81 7.12
N GLU C 236 19.64 -9.15 6.84
CA GLU C 236 19.83 -8.58 5.45
C GLU C 236 20.33 -9.71 4.56
N ILE D 29 5.13 22.90 28.18
CA ILE D 29 6.55 23.36 28.38
C ILE D 29 7.65 22.50 27.80
N ASN D 30 8.39 22.98 26.82
CA ASN D 30 9.46 22.06 26.31
C ASN D 30 10.62 22.19 27.25
N TYR D 31 11.21 21.14 27.76
CA TYR D 31 12.41 21.29 28.61
C TYR D 31 13.72 21.25 27.84
N TYR D 32 13.58 20.87 26.60
CA TYR D 32 14.72 20.62 25.73
C TYR D 32 14.73 21.54 24.53
N LYS D 33 15.95 21.74 24.02
CA LYS D 33 16.20 22.70 22.98
C LYS D 33 15.84 22.30 21.59
N ASP D 34 15.97 21.04 21.24
CA ASP D 34 15.78 20.57 19.87
C ASP D 34 14.38 20.17 19.58
N ALA D 35 13.90 20.27 18.33
CA ALA D 35 12.48 19.93 18.10
C ALA D 35 12.23 18.45 18.13
N ALA D 36 13.25 17.65 17.97
CA ALA D 36 12.99 16.20 17.86
C ALA D 36 12.63 15.74 19.25
N SER D 37 12.86 16.68 20.17
CA SER D 37 12.78 16.04 21.55
C SER D 37 11.44 16.22 22.10
N THR D 38 10.57 16.88 21.38
CA THR D 38 9.18 17.16 21.85
C THR D 38 8.30 15.95 21.68
N SER D 39 7.16 15.97 22.35
CA SER D 39 6.30 14.76 22.34
C SER D 39 5.55 14.76 21.02
N SER D 40 4.71 13.73 20.95
CA SER D 40 3.99 13.36 19.71
C SER D 40 3.24 14.58 19.20
N ALA D 41 2.96 14.57 17.89
CA ALA D 41 2.34 15.69 17.25
C ALA D 41 0.93 16.04 17.46
N GLY D 42 -0.14 15.48 17.89
CA GLY D 42 -1.46 16.41 17.73
C GLY D 42 -2.08 16.03 16.39
N GLN D 43 -3.47 16.01 16.38
CA GLN D 43 -4.19 15.37 15.24
C GLN D 43 -4.43 16.30 14.05
N SER D 44 -3.83 15.72 12.95
CA SER D 44 -3.86 16.35 11.68
C SER D 44 -5.19 17.14 11.55
N LEU D 45 -6.14 16.23 11.91
CA LEU D 45 -7.53 16.88 11.73
C LEU D 45 -7.49 17.54 10.31
N SER D 46 -6.72 16.70 9.39
CA SER D 46 -6.74 17.24 8.00
C SER D 46 -7.81 16.49 7.23
N MET D 47 -7.59 15.25 6.87
CA MET D 47 -8.64 14.43 6.27
C MET D 47 -9.30 14.86 5.00
N ASP D 48 -8.83 14.37 3.87
CA ASP D 48 -9.39 14.63 2.56
C ASP D 48 -9.13 13.47 1.62
N PRO D 49 -10.09 12.58 1.61
CA PRO D 49 -9.94 11.34 0.86
C PRO D 49 -10.03 11.61 -0.60
N SER D 50 -10.39 12.70 -1.09
CA SER D 50 -10.61 12.82 -2.55
C SER D 50 -9.33 12.59 -3.28
N LYS D 51 -8.16 12.80 -2.82
CA LYS D 51 -7.00 12.49 -3.72
C LYS D 51 -6.96 11.00 -4.04
N PHE D 52 -7.45 10.17 -3.18
CA PHE D 52 -7.52 8.72 -3.29
C PHE D 52 -8.85 8.27 -3.83
N THR D 53 -9.96 8.82 -3.45
CA THR D 53 -11.27 8.27 -3.90
C THR D 53 -11.81 8.87 -5.16
N GLU D 54 -11.41 10.01 -5.60
CA GLU D 54 -11.90 10.66 -6.78
C GLU D 54 -10.82 11.41 -7.51
N PRO D 55 -9.77 10.71 -7.93
CA PRO D 55 -8.72 11.39 -8.70
C PRO D 55 -9.13 11.48 -10.14
N VAL D 56 -10.40 11.73 -10.50
CA VAL D 56 -10.73 11.81 -11.95
C VAL D 56 -10.49 13.20 -12.49
N LYS D 57 -10.20 13.32 -13.75
CA LYS D 57 -9.86 14.58 -14.39
C LYS D 57 -11.12 15.38 -14.52
N ASP D 58 -12.20 14.95 -15.08
CA ASP D 58 -13.44 15.68 -15.17
C ASP D 58 -14.32 15.13 -13.98
N LEU D 59 -14.73 16.08 -13.20
CA LEU D 59 -15.51 16.00 -12.01
C LEU D 59 -16.80 15.18 -12.23
N MET D 60 -17.02 14.31 -11.30
CA MET D 60 -18.22 13.44 -11.41
C MET D 60 -19.21 13.88 -10.39
N LEU D 61 -20.47 14.22 -10.76
CA LEU D 61 -21.47 14.51 -9.70
C LEU D 61 -22.36 13.39 -9.33
N LYS D 62 -22.45 13.09 -8.08
CA LYS D 62 -23.30 11.87 -7.67
C LYS D 62 -24.70 12.00 -8.12
N GLY D 63 -25.26 11.13 -8.97
CA GLY D 63 -26.73 11.42 -9.26
C GLY D 63 -26.79 11.74 -10.73
N ALA D 64 -25.78 12.42 -11.19
CA ALA D 64 -25.68 12.58 -12.66
C ALA D 64 -25.13 11.25 -13.18
N PRO D 65 -25.42 10.93 -14.42
CA PRO D 65 -24.90 9.74 -15.07
C PRO D 65 -23.36 9.71 -15.03
N ALA D 66 -22.82 8.56 -14.78
CA ALA D 66 -21.36 8.35 -14.80
C ALA D 66 -20.77 8.62 -16.17
N LEU D 67 -21.39 8.01 -17.17
CA LEU D 67 -20.83 8.20 -18.57
C LEU D 67 -21.98 8.79 -19.38
N ASN D 68 -21.73 9.89 -19.93
CA ASN D 68 -22.60 10.75 -20.72
C ASN D 68 -22.22 10.47 -22.20
#